data_7LC1
#
_entry.id   7LC1
#
_cell.length_a   42.760
_cell.length_b   97.070
_cell.length_c   96.620
_cell.angle_alpha   90.000
_cell.angle_beta   92.320
_cell.angle_gamma   90.000
#
_symmetry.space_group_name_H-M   'P 1 21 1'
#
loop_
_entity.id
_entity.type
_entity.pdbx_description
1 polymer 'Isoform 2B of GTPase KRas'
2 polymer 'Target of rapamycin complex 2 subunit MAPKAP1'
3 non-polymer 'MAGNESIUM ION'
4 non-polymer 'PHOSPHOAMINOPHOSPHONIC ACID-GUANYLATE ESTER'
5 water water
#
loop_
_entity_poly.entity_id
_entity_poly.type
_entity_poly.pdbx_seq_one_letter_code
_entity_poly.pdbx_strand_id
1 'polypeptide(L)'
;GMTEYKLVVVGAGGVGKSALTIQLIANHFVDEYDPTIEDSYRKQVVIDGETCLLDILDTAGQEEYSAMRDQYMRTGEGFL
CVFAINNTKSFEDIHHYREQIKRVKDSEDVPMVLVGNKCDLPSRTVDTKQAQDLARSYGIPFIETSAKTRQGVDDAFYTL
VREIRKHKEK
;
A,C
2 'polypeptide(L)'
;GSKESLFVRINAAHGFSLIQVDNTKVTMKEILLKAVKRRKGSQKVSGPQYRLEKQSEPNVAVDLDSTLESQSAWEFCLVR
ENSSRADGVFEEDSQIDIATVQDMLSSHHYKSFKVSMIHRLRFTTDVQLGISGDKVEIDPVTNQKASTKFWIKQKPISID
SDLLCACDLAEEKSPSHAIFKLTYLSNHDYKHLYFESDAATVNEIVLKVNYILESRASTARADYFAQKQRKLNRRTS
;
B,D
#
# COMPACT_ATOMS: atom_id res chain seq x y z
N MET A 2 -13.60 9.30 14.64
CA MET A 2 -14.44 8.27 14.05
C MET A 2 -13.78 7.67 12.82
N THR A 3 -13.13 6.53 12.98
CA THR A 3 -12.47 5.86 11.86
C THR A 3 -13.50 5.07 11.05
N GLU A 4 -13.42 5.20 9.73
CA GLU A 4 -14.34 4.49 8.83
C GLU A 4 -13.56 3.39 8.11
N TYR A 5 -14.03 2.15 8.27
CA TYR A 5 -13.52 1.01 7.55
C TYR A 5 -14.53 0.59 6.49
N LYS A 6 -14.07 0.40 5.27
CA LYS A 6 -14.93 0.05 4.14
C LYS A 6 -14.75 -1.43 3.84
N LEU A 7 -15.77 -2.23 4.17
CA LEU A 7 -15.71 -3.68 4.07
C LEU A 7 -16.50 -4.15 2.86
N VAL A 8 -16.00 -5.19 2.20
CA VAL A 8 -16.63 -5.74 1.01
C VAL A 8 -16.77 -7.25 1.18
N VAL A 9 -17.98 -7.75 1.01
CA VAL A 9 -18.27 -9.18 1.12
C VAL A 9 -18.34 -9.75 -0.29
N VAL A 10 -17.44 -10.68 -0.60
CA VAL A 10 -17.36 -11.28 -1.93
C VAL A 10 -17.41 -12.79 -1.81
N GLY A 11 -17.77 -13.43 -2.92
CA GLY A 11 -17.89 -14.88 -2.97
C GLY A 11 -18.90 -15.29 -4.02
N ALA A 12 -18.95 -16.60 -4.25
CA ALA A 12 -19.87 -17.14 -5.25
C ALA A 12 -21.32 -16.97 -4.80
N GLY A 13 -22.23 -17.19 -5.75
CA GLY A 13 -23.65 -17.01 -5.45
C GLY A 13 -24.17 -18.07 -4.49
N GLY A 14 -25.06 -17.65 -3.60
CA GLY A 14 -25.75 -18.56 -2.72
C GLY A 14 -24.99 -18.99 -1.48
N VAL A 15 -23.78 -18.48 -1.26
CA VAL A 15 -22.98 -18.94 -0.13
C VAL A 15 -23.36 -18.27 1.18
N GLY A 16 -24.20 -17.25 1.14
CA GLY A 16 -24.65 -16.56 2.34
C GLY A 16 -24.06 -15.19 2.59
N LYS A 17 -23.58 -14.50 1.55
CA LYS A 17 -23.01 -13.16 1.74
C LYS A 17 -24.05 -12.20 2.28
N SER A 18 -25.23 -12.17 1.66
CA SER A 18 -26.29 -11.27 2.10
C SER A 18 -26.81 -11.64 3.47
N ALA A 19 -26.90 -12.95 3.75
CA ALA A 19 -27.41 -13.40 5.04
C ALA A 19 -26.47 -13.01 6.19
N LEU A 20 -25.16 -13.15 5.98
CA LEU A 20 -24.21 -12.72 7.00
C LEU A 20 -24.28 -11.22 7.24
N THR A 21 -24.36 -10.45 6.15
CA THR A 21 -24.37 -8.99 6.27
C THR A 21 -25.56 -8.50 7.07
N ILE A 22 -26.75 -9.02 6.76
CA ILE A 22 -27.96 -8.63 7.49
C ILE A 22 -27.92 -9.14 8.92
N GLN A 23 -27.30 -10.31 9.15
CA GLN A 23 -27.13 -10.80 10.51
C GLN A 23 -26.31 -9.81 11.34
N LEU A 24 -25.26 -9.24 10.74
CA LEU A 24 -24.51 -8.20 11.43
C LEU A 24 -25.35 -6.96 11.66
N ILE A 25 -26.14 -6.55 10.66
CA ILE A 25 -26.83 -5.28 10.73
C ILE A 25 -28.14 -5.40 11.51
N ALA A 26 -29.05 -6.25 11.03
CA ALA A 26 -30.39 -6.35 11.60
C ALA A 26 -30.54 -7.48 12.62
N ASN A 27 -29.50 -8.29 12.81
CA ASN A 27 -29.50 -9.35 13.84
C ASN A 27 -30.64 -10.33 13.66
N HIS A 28 -30.89 -10.76 12.42
CA HIS A 28 -31.81 -11.86 12.17
C HIS A 28 -31.45 -12.53 10.86
N PHE A 29 -31.97 -13.73 10.66
CA PHE A 29 -31.60 -14.61 9.56
C PHE A 29 -32.60 -14.47 8.42
N VAL A 30 -32.09 -14.18 7.23
CA VAL A 30 -32.92 -14.07 6.03
C VAL A 30 -32.95 -15.46 5.37
N ASP A 31 -34.10 -16.13 5.47
CA ASP A 31 -34.24 -17.46 4.87
C ASP A 31 -34.45 -17.41 3.37
N GLU A 32 -34.96 -16.29 2.84
CA GLU A 32 -35.13 -16.17 1.40
C GLU A 32 -33.78 -15.99 0.71
N TYR A 33 -33.67 -16.51 -0.51
CA TYR A 33 -32.47 -16.33 -1.32
C TYR A 33 -32.85 -15.40 -2.45
N ASP A 34 -32.69 -14.10 -2.19
CA ASP A 34 -32.92 -13.03 -3.15
C ASP A 34 -31.58 -12.58 -3.68
N PRO A 35 -31.24 -12.87 -4.94
CA PRO A 35 -29.88 -12.59 -5.41
C PRO A 35 -29.53 -11.11 -5.35
N THR A 36 -28.29 -10.84 -4.95
CA THR A 36 -27.82 -9.49 -4.72
C THR A 36 -27.31 -8.86 -6.02
N ILE A 37 -27.64 -7.60 -6.24
CA ILE A 37 -26.96 -6.83 -7.27
C ILE A 37 -25.79 -6.10 -6.60
N GLU A 38 -26.13 -5.19 -5.68
CA GLU A 38 -25.14 -4.54 -4.82
C GLU A 38 -25.90 -3.77 -3.74
N ASP A 39 -25.38 -3.83 -2.51
CA ASP A 39 -26.02 -3.17 -1.37
C ASP A 39 -24.94 -2.69 -0.42
N SER A 40 -25.19 -1.53 0.20
CA SER A 40 -24.25 -0.94 1.13
C SER A 40 -24.94 -0.66 2.46
N TYR A 41 -24.22 -0.86 3.56
CA TYR A 41 -24.75 -0.68 4.90
C TYR A 41 -23.72 -0.01 5.79
N ARG A 42 -24.19 0.92 6.63
CA ARG A 42 -23.39 1.53 7.67
C ARG A 42 -23.77 0.89 9.00
N LYS A 43 -22.76 0.49 9.78
CA LYS A 43 -23.03 0.07 11.15
C LYS A 43 -21.98 0.71 12.06
N GLN A 44 -22.42 1.22 13.20
CA GLN A 44 -21.48 1.71 14.22
C GLN A 44 -21.25 0.62 15.25
N VAL A 45 -19.98 0.34 15.54
CA VAL A 45 -19.61 -0.75 16.43
C VAL A 45 -18.31 -0.39 17.16
N VAL A 46 -18.12 -0.99 18.34
CA VAL A 46 -16.89 -0.83 19.11
C VAL A 46 -16.09 -2.12 18.96
N ILE A 47 -14.87 -2.01 18.44
CA ILE A 47 -13.98 -3.14 18.25
C ILE A 47 -12.67 -2.83 18.94
N ASP A 48 -12.30 -3.66 19.93
CA ASP A 48 -11.05 -3.51 20.67
C ASP A 48 -10.91 -2.12 21.28
N GLY A 49 -12.02 -1.59 21.79
CA GLY A 49 -12.01 -0.30 22.46
C GLY A 49 -12.15 0.90 21.55
N GLU A 50 -12.13 0.71 20.24
CA GLU A 50 -12.24 1.81 19.29
C GLU A 50 -13.60 1.74 18.61
N THR A 51 -14.37 2.82 18.71
CA THR A 51 -15.65 2.90 18.00
C THR A 51 -15.40 3.14 16.52
N CYS A 52 -16.01 2.30 15.68
CA CYS A 52 -15.70 2.24 14.26
C CYS A 52 -16.97 2.35 13.45
N LEU A 53 -16.90 3.06 12.32
CA LEU A 53 -17.98 3.13 11.35
C LEU A 53 -17.70 2.12 10.25
N LEU A 54 -18.50 1.05 10.21
CA LEU A 54 -18.32 -0.01 9.23
C LEU A 54 -19.13 0.32 7.98
N ASP A 55 -18.45 0.53 6.86
CA ASP A 55 -19.10 0.68 5.55
C ASP A 55 -19.08 -0.69 4.89
N ILE A 56 -20.23 -1.34 4.82
CA ILE A 56 -20.29 -2.72 4.41
C ILE A 56 -20.83 -2.73 2.99
N LEU A 57 -20.17 -3.46 2.09
CA LEU A 57 -20.65 -3.57 0.72
C LEU A 57 -20.99 -5.02 0.43
N ASP A 58 -22.27 -5.28 0.15
CA ASP A 58 -22.73 -6.62 -0.20
C ASP A 58 -22.79 -6.71 -1.72
N THR A 59 -21.94 -7.55 -2.30
CA THR A 59 -21.76 -7.63 -3.74
C THR A 59 -22.46 -8.85 -4.32
N ALA A 60 -22.43 -8.95 -5.64
CA ALA A 60 -23.14 -10.00 -6.37
C ALA A 60 -22.25 -11.22 -6.54
N GLY A 61 -22.80 -12.40 -6.26
CA GLY A 61 -22.13 -13.63 -6.61
C GLY A 61 -22.32 -14.06 -8.05
N GLN A 62 -23.26 -13.45 -8.76
CA GLN A 62 -23.52 -13.79 -10.14
C GLN A 62 -22.55 -13.07 -11.06
N GLU A 63 -22.11 -13.78 -12.11
CA GLU A 63 -21.14 -13.24 -13.06
C GLU A 63 -21.75 -12.24 -14.02
N GLU A 64 -23.07 -12.21 -14.17
CA GLU A 64 -23.71 -11.21 -15.03
C GLU A 64 -23.39 -9.80 -14.57
N TYR A 65 -23.17 -9.62 -13.27
CA TYR A 65 -22.90 -8.31 -12.69
C TYR A 65 -21.43 -8.13 -12.34
N SER A 66 -20.54 -8.91 -12.97
CA SER A 66 -19.12 -8.85 -12.67
C SER A 66 -18.49 -7.52 -13.06
N ALA A 67 -19.11 -6.75 -13.97
CA ALA A 67 -18.53 -5.47 -14.36
C ALA A 67 -18.50 -4.47 -13.21
N MET A 68 -19.31 -4.71 -12.16
CA MET A 68 -19.26 -3.86 -10.98
C MET A 68 -18.03 -4.12 -10.12
N ARG A 69 -17.38 -5.27 -10.31
CA ARG A 69 -16.31 -5.68 -9.40
C ARG A 69 -15.12 -4.76 -9.48
N ASP A 70 -14.85 -4.19 -10.65
CA ASP A 70 -13.67 -3.35 -10.77
C ASP A 70 -13.82 -2.05 -9.99
N GLN A 71 -15.03 -1.51 -9.89
CA GLN A 71 -15.24 -0.30 -9.10
C GLN A 71 -15.14 -0.58 -7.61
N TYR A 72 -15.80 -1.63 -7.11
CA TYR A 72 -15.81 -1.80 -5.67
C TYR A 72 -14.52 -2.40 -5.13
N MET A 73 -13.65 -2.92 -5.99
CA MET A 73 -12.41 -3.49 -5.52
C MET A 73 -11.31 -2.45 -5.33
N ARG A 74 -11.37 -1.30 -6.01
CA ARG A 74 -10.40 -0.25 -5.76
C ARG A 74 -10.68 0.47 -4.45
N THR A 75 -11.96 0.79 -4.18
CA THR A 75 -12.29 1.59 -3.01
C THR A 75 -12.25 0.78 -1.72
N GLY A 76 -12.58 -0.50 -1.76
CA GLY A 76 -12.62 -1.29 -0.55
C GLY A 76 -11.25 -1.48 0.07
N GLU A 77 -11.23 -1.53 1.41
CA GLU A 77 -9.99 -1.72 2.16
C GLU A 77 -9.80 -3.16 2.62
N GLY A 78 -10.88 -3.81 3.05
CA GLY A 78 -10.82 -5.21 3.42
C GLY A 78 -11.90 -5.98 2.69
N PHE A 79 -11.63 -7.27 2.49
CA PHE A 79 -12.52 -8.12 1.71
C PHE A 79 -12.83 -9.39 2.49
N LEU A 80 -14.12 -9.72 2.57
CA LEU A 80 -14.60 -10.87 3.29
C LEU A 80 -14.92 -11.91 2.22
N CYS A 81 -13.99 -12.85 2.02
CA CYS A 81 -14.12 -13.88 0.99
C CYS A 81 -14.91 -15.04 1.56
N VAL A 82 -16.10 -15.27 1.03
CA VAL A 82 -17.07 -16.18 1.62
C VAL A 82 -17.27 -17.37 0.69
N PHE A 83 -17.17 -18.57 1.25
CA PHE A 83 -17.61 -19.79 0.62
C PHE A 83 -18.54 -20.52 1.58
N ALA A 84 -19.27 -21.50 1.06
CA ALA A 84 -20.15 -22.33 1.87
C ALA A 84 -19.52 -23.71 2.02
N ILE A 85 -19.53 -24.25 3.24
CA ILE A 85 -18.87 -25.51 3.51
C ILE A 85 -19.51 -26.68 2.78
N ASN A 86 -20.74 -26.51 2.28
CA ASN A 86 -21.44 -27.54 1.52
C ASN A 86 -21.31 -27.36 0.02
N ASN A 87 -20.54 -26.36 -0.44
CA ASN A 87 -20.40 -26.04 -1.86
C ASN A 87 -18.90 -26.02 -2.17
N THR A 88 -18.40 -27.14 -2.71
CA THR A 88 -16.97 -27.28 -2.92
C THR A 88 -16.44 -26.22 -3.88
N LYS A 89 -17.20 -25.90 -4.93
CA LYS A 89 -16.65 -24.96 -5.90
C LYS A 89 -16.64 -23.54 -5.37
N SER A 90 -17.65 -23.17 -4.57
CA SER A 90 -17.60 -21.87 -3.91
C SER A 90 -16.29 -21.73 -3.13
N PHE A 91 -15.77 -22.85 -2.63
CA PHE A 91 -14.43 -22.86 -2.06
C PHE A 91 -13.37 -22.70 -3.14
N GLU A 92 -13.52 -23.43 -4.25
CA GLU A 92 -12.55 -23.31 -5.34
C GLU A 92 -12.59 -21.94 -5.99
N ASP A 93 -13.77 -21.31 -6.03
CA ASP A 93 -13.91 -19.98 -6.61
C ASP A 93 -13.20 -18.91 -5.79
N ILE A 94 -12.78 -19.22 -4.57
CA ILE A 94 -12.03 -18.26 -3.76
C ILE A 94 -10.74 -17.85 -4.46
N HIS A 95 -10.13 -18.77 -5.21
CA HIS A 95 -8.91 -18.45 -5.95
C HIS A 95 -9.15 -17.32 -6.94
N HIS A 96 -10.27 -17.36 -7.65
CA HIS A 96 -10.57 -16.31 -8.62
C HIS A 96 -10.78 -14.96 -7.93
N TYR A 97 -11.44 -14.98 -6.77
CA TYR A 97 -11.78 -13.73 -6.11
C TYR A 97 -10.55 -13.04 -5.54
N ARG A 98 -9.62 -13.80 -4.94
CA ARG A 98 -8.41 -13.17 -4.43
C ARG A 98 -7.54 -12.66 -5.57
N GLU A 99 -7.43 -13.43 -6.65
CA GLU A 99 -6.61 -12.99 -7.79
C GLU A 99 -7.11 -11.68 -8.37
N GLN A 100 -8.43 -11.54 -8.50
CA GLN A 100 -8.98 -10.30 -9.01
C GLN A 100 -8.75 -9.15 -8.04
N ILE A 101 -8.82 -9.42 -6.74
CA ILE A 101 -8.62 -8.37 -5.75
C ILE A 101 -7.19 -7.88 -5.77
N LYS A 102 -6.24 -8.80 -5.77
CA LYS A 102 -4.84 -8.39 -5.83
C LYS A 102 -4.46 -7.80 -7.18
N ARG A 103 -5.22 -8.09 -8.23
CA ARG A 103 -4.97 -7.52 -9.55
C ARG A 103 -5.49 -6.09 -9.64
N VAL A 104 -6.76 -5.88 -9.24
CA VAL A 104 -7.35 -4.54 -9.33
C VAL A 104 -6.66 -3.60 -8.35
N LYS A 105 -6.38 -4.07 -7.14
CA LYS A 105 -5.67 -3.24 -6.16
C LYS A 105 -4.19 -3.14 -6.44
N ASP A 106 -3.64 -4.00 -7.31
CA ASP A 106 -2.23 -3.98 -7.68
C ASP A 106 -1.33 -4.05 -6.45
N SER A 107 -1.65 -4.98 -5.54
CA SER A 107 -0.90 -5.15 -4.31
C SER A 107 -0.84 -6.63 -3.97
N GLU A 108 0.19 -7.01 -3.20
CA GLU A 108 0.33 -8.38 -2.74
C GLU A 108 -0.22 -8.59 -1.34
N ASP A 109 -0.58 -7.52 -0.64
CA ASP A 109 -0.92 -7.72 0.76
C ASP A 109 -2.11 -6.80 1.04
N VAL A 110 -3.29 -7.36 0.85
CA VAL A 110 -4.56 -6.65 0.93
C VAL A 110 -5.34 -7.25 2.10
N PRO A 111 -5.90 -6.44 3.00
CA PRO A 111 -6.67 -7.01 4.12
C PRO A 111 -7.78 -7.91 3.61
N MET A 112 -7.80 -9.15 4.11
CA MET A 112 -8.72 -10.16 3.63
C MET A 112 -8.95 -11.18 4.74
N VAL A 113 -10.15 -11.76 4.75
CA VAL A 113 -10.51 -12.82 5.69
C VAL A 113 -11.29 -13.89 4.94
N LEU A 114 -10.93 -15.15 5.14
CA LEU A 114 -11.64 -16.28 4.54
C LEU A 114 -12.75 -16.74 5.47
N VAL A 115 -13.96 -16.85 4.94
CA VAL A 115 -15.14 -17.17 5.74
C VAL A 115 -15.82 -18.39 5.14
N GLY A 116 -15.94 -19.45 5.94
CA GLY A 116 -16.69 -20.62 5.55
C GLY A 116 -18.06 -20.63 6.20
N ASN A 117 -19.09 -20.28 5.44
CA ASN A 117 -20.42 -20.10 5.99
C ASN A 117 -21.22 -21.40 5.94
N LYS A 118 -22.38 -21.38 6.60
CA LYS A 118 -23.32 -22.51 6.63
C LYS A 118 -22.74 -23.70 7.40
N CYS A 119 -22.03 -23.41 8.51
CA CYS A 119 -21.47 -24.48 9.32
C CYS A 119 -22.51 -25.20 10.16
N ASP A 120 -23.77 -24.76 10.11
CA ASP A 120 -24.86 -25.47 10.79
C ASP A 120 -25.33 -26.69 10.01
N LEU A 121 -25.02 -26.76 8.72
CA LEU A 121 -25.52 -27.85 7.89
C LEU A 121 -24.74 -29.15 8.13
N PRO A 122 -25.40 -30.29 8.02
CA PRO A 122 -24.71 -31.58 8.13
C PRO A 122 -24.17 -32.14 6.83
N SER A 123 -24.08 -31.32 5.77
CA SER A 123 -23.66 -31.75 4.45
C SER A 123 -22.32 -31.15 4.06
N ARG A 124 -21.39 -31.09 5.02
CA ARG A 124 -20.08 -30.51 4.76
C ARG A 124 -19.34 -31.28 3.68
N THR A 125 -18.80 -30.55 2.70
CA THR A 125 -17.95 -31.15 1.67
C THR A 125 -16.57 -30.51 1.58
N VAL A 126 -16.32 -29.41 2.30
CA VAL A 126 -15.05 -28.72 2.27
C VAL A 126 -14.32 -29.01 3.57
N ASP A 127 -13.11 -29.57 3.47
CA ASP A 127 -12.32 -29.86 4.67
C ASP A 127 -11.93 -28.58 5.38
N THR A 128 -12.18 -28.54 6.70
CA THR A 128 -11.53 -27.52 7.53
C THR A 128 -10.02 -27.61 7.52
N LYS A 129 -9.43 -28.80 7.29
CA LYS A 129 -7.98 -28.79 7.08
C LYS A 129 -7.64 -28.10 5.77
N GLN A 130 -8.41 -28.36 4.71
CA GLN A 130 -8.12 -27.77 3.41
C GLN A 130 -8.35 -26.27 3.44
N ALA A 131 -9.48 -25.82 4.02
CA ALA A 131 -9.76 -24.39 4.10
C ALA A 131 -8.73 -23.67 4.96
N GLN A 132 -8.35 -24.27 6.09
CA GLN A 132 -7.31 -23.68 6.92
C GLN A 132 -5.99 -23.64 6.18
N ASP A 133 -5.69 -24.68 5.39
CA ASP A 133 -4.46 -24.68 4.62
C ASP A 133 -4.46 -23.59 3.56
N LEU A 134 -5.61 -23.33 2.94
CA LEU A 134 -5.70 -22.28 1.94
C LEU A 134 -5.38 -20.93 2.58
N ALA A 135 -6.04 -20.64 3.71
CA ALA A 135 -5.88 -19.34 4.36
C ALA A 135 -4.45 -19.14 4.85
N ARG A 136 -3.82 -20.21 5.36
CA ARG A 136 -2.42 -20.12 5.75
C ARG A 136 -1.54 -19.82 4.55
N SER A 137 -1.80 -20.46 3.41
CA SER A 137 -1.00 -20.23 2.21
C SER A 137 -1.10 -18.79 1.74
N TYR A 138 -2.27 -18.18 1.90
CA TYR A 138 -2.49 -16.79 1.50
C TYR A 138 -2.27 -15.81 2.64
N GLY A 139 -1.91 -16.30 3.83
CA GLY A 139 -1.59 -15.44 4.96
C GLY A 139 -2.74 -14.65 5.53
N ILE A 140 -3.94 -15.24 5.59
CA ILE A 140 -5.11 -14.54 6.11
C ILE A 140 -5.81 -15.41 7.15
N PRO A 141 -6.53 -14.82 8.11
CA PRO A 141 -7.28 -15.64 9.06
C PRO A 141 -8.47 -16.32 8.40
N PHE A 142 -8.86 -17.47 8.97
CA PHE A 142 -9.97 -18.26 8.48
C PHE A 142 -10.99 -18.41 9.60
N ILE A 143 -12.24 -18.04 9.32
CA ILE A 143 -13.33 -18.09 10.28
C ILE A 143 -14.45 -18.93 9.70
N GLU A 144 -15.01 -19.81 10.51
CA GLU A 144 -16.25 -20.49 10.15
C GLU A 144 -17.44 -19.76 10.77
N THR A 145 -18.49 -19.60 9.98
CA THR A 145 -19.65 -18.84 10.39
C THR A 145 -20.91 -19.59 10.02
N SER A 146 -22.03 -19.18 10.65
CA SER A 146 -23.36 -19.64 10.28
C SER A 146 -24.29 -18.46 10.41
N ALA A 147 -24.80 -17.95 9.29
CA ALA A 147 -25.76 -16.85 9.34
C ALA A 147 -27.08 -17.27 9.96
N LYS A 148 -27.35 -18.57 10.05
CA LYS A 148 -28.57 -19.05 10.68
C LYS A 148 -28.47 -19.02 12.20
N THR A 149 -27.39 -19.55 12.75
CA THR A 149 -27.18 -19.56 14.19
C THR A 149 -26.40 -18.34 14.68
N ARG A 150 -25.94 -17.48 13.78
CA ARG A 150 -25.14 -16.30 14.08
C ARG A 150 -23.74 -16.65 14.60
N GLN A 151 -23.30 -17.89 14.37
CA GLN A 151 -21.99 -18.33 14.88
C GLN A 151 -20.90 -17.52 14.21
N GLY A 152 -20.06 -16.87 15.01
CA GLY A 152 -18.87 -16.19 14.50
C GLY A 152 -19.14 -15.13 13.45
N VAL A 153 -20.39 -14.69 13.36
CA VAL A 153 -20.73 -13.61 12.42
C VAL A 153 -20.01 -12.33 12.83
N ASP A 154 -20.11 -11.98 14.11
CA ASP A 154 -19.41 -10.80 14.61
C ASP A 154 -17.90 -10.97 14.51
N ASP A 155 -17.40 -12.18 14.83
CA ASP A 155 -15.96 -12.42 14.78
CA ASP A 155 -15.96 -12.41 14.78
C ASP A 155 -15.40 -12.25 13.37
N ALA A 156 -16.15 -12.72 12.36
CA ALA A 156 -15.68 -12.63 10.98
C ALA A 156 -15.49 -11.19 10.55
N PHE A 157 -16.48 -10.34 10.82
CA PHE A 157 -16.38 -8.94 10.40
C PHE A 157 -15.35 -8.18 11.24
N TYR A 158 -15.29 -8.46 12.55
CA TYR A 158 -14.36 -7.74 13.42
C TYR A 158 -12.92 -8.12 13.09
N THR A 159 -12.68 -9.38 12.75
CA THR A 159 -11.32 -9.81 12.40
C THR A 159 -10.83 -9.08 11.15
N LEU A 160 -11.71 -8.91 10.16
CA LEU A 160 -11.33 -8.18 8.95
C LEU A 160 -10.96 -6.74 9.29
N VAL A 161 -11.74 -6.09 10.15
CA VAL A 161 -11.39 -4.76 10.63
C VAL A 161 -10.01 -4.77 11.28
N ARG A 162 -9.73 -5.78 12.09
CA ARG A 162 -8.40 -5.88 12.70
C ARG A 162 -7.33 -6.06 11.63
N GLU A 163 -7.62 -6.87 10.60
CA GLU A 163 -6.67 -7.06 9.51
C GLU A 163 -6.45 -5.74 8.76
N ILE A 164 -7.51 -4.96 8.56
CA ILE A 164 -7.35 -3.63 7.99
C ILE A 164 -6.51 -2.75 8.90
N ARG A 165 -6.74 -2.85 10.22
CA ARG A 165 -6.05 -1.95 11.14
C ARG A 165 -4.56 -2.29 11.24
N LYS A 166 -4.20 -3.57 11.17
CA LYS A 166 -2.78 -3.92 11.14
C LYS A 166 -2.11 -3.35 9.90
N HIS A 167 -2.82 -3.34 8.77
CA HIS A 167 -2.25 -2.93 7.49
C HIS A 167 -1.79 -1.47 7.49
N LYS A 168 -2.33 -0.65 8.38
CA LYS A 168 -1.98 0.77 8.40
C LYS A 168 -0.96 1.10 9.49
N SER B 5 -34.86 -7.07 -18.37
CA SER B 5 -34.68 -6.77 -16.95
C SER B 5 -34.18 -5.34 -16.75
N LEU B 6 -34.71 -4.66 -15.74
CA LEU B 6 -34.40 -3.26 -15.48
C LEU B 6 -33.93 -3.09 -14.04
N PHE B 7 -33.17 -2.00 -13.81
CA PHE B 7 -32.53 -1.77 -12.53
C PHE B 7 -32.82 -0.35 -12.04
N VAL B 8 -33.12 -0.23 -10.75
CA VAL B 8 -33.26 1.05 -10.09
C VAL B 8 -32.37 1.05 -8.84
N ARG B 9 -31.91 2.23 -8.45
CA ARG B 9 -31.13 2.39 -7.24
C ARG B 9 -31.99 3.04 -6.17
N ILE B 10 -32.05 2.40 -5.00
CA ILE B 10 -32.76 2.92 -3.84
C ILE B 10 -31.74 3.41 -2.84
N ASN B 11 -31.77 4.70 -2.54
CA ASN B 11 -30.88 5.31 -1.56
C ASN B 11 -31.61 5.40 -0.23
N ALA B 12 -30.99 4.89 0.83
CA ALA B 12 -31.55 4.94 2.17
C ALA B 12 -30.64 5.78 3.06
N ALA B 13 -31.00 5.86 4.35
CA ALA B 13 -30.22 6.65 5.29
C ALA B 13 -28.87 6.01 5.61
N HIS B 14 -28.75 4.70 5.45
CA HIS B 14 -27.54 3.96 5.83
CA HIS B 14 -27.52 3.99 5.82
C HIS B 14 -26.90 3.23 4.65
N GLY B 15 -27.29 3.55 3.42
CA GLY B 15 -26.68 2.92 2.26
C GLY B 15 -27.63 2.93 1.07
N PHE B 16 -27.20 2.24 0.02
CA PHE B 16 -27.99 2.10 -1.19
C PHE B 16 -28.31 0.64 -1.45
N SER B 17 -29.43 0.42 -2.13
CA SER B 17 -29.84 -0.91 -2.57
C SER B 17 -30.17 -0.85 -4.05
N LEU B 18 -29.52 -1.70 -4.84
CA LEU B 18 -29.85 -1.84 -6.24
C LEU B 18 -30.92 -2.91 -6.39
N ILE B 19 -32.01 -2.56 -7.07
CA ILE B 19 -33.18 -3.42 -7.18
C ILE B 19 -33.39 -3.77 -8.64
N GLN B 20 -33.66 -5.05 -8.90
CA GLN B 20 -34.01 -5.51 -10.23
C GLN B 20 -35.52 -5.56 -10.36
N VAL B 21 -36.04 -5.04 -11.47
CA VAL B 21 -37.48 -5.04 -11.74
C VAL B 21 -37.72 -5.67 -13.10
N ASP B 22 -38.89 -6.30 -13.25
CA ASP B 22 -39.23 -6.94 -14.51
C ASP B 22 -39.39 -5.92 -15.62
N ASN B 23 -40.13 -4.84 -15.36
CA ASN B 23 -40.38 -3.81 -16.35
C ASN B 23 -40.85 -2.55 -15.63
N THR B 24 -41.18 -1.52 -16.41
CA THR B 24 -41.63 -0.25 -15.88
C THR B 24 -43.09 -0.27 -15.45
N LYS B 25 -43.82 -1.33 -15.79
CA LYS B 25 -45.20 -1.49 -15.32
C LYS B 25 -45.26 -1.78 -13.82
N VAL B 26 -44.14 -2.14 -13.20
CA VAL B 26 -44.15 -2.46 -11.79
C VAL B 26 -44.54 -1.22 -10.99
N THR B 27 -45.31 -1.43 -9.92
CA THR B 27 -45.78 -0.33 -9.12
C THR B 27 -44.69 0.17 -8.20
N MET B 28 -44.73 1.46 -7.86
CA MET B 28 -43.74 1.96 -6.91
C MET B 28 -43.93 1.33 -5.55
N LYS B 29 -45.14 0.86 -5.25
CA LYS B 29 -45.34 0.17 -3.98
C LYS B 29 -44.53 -1.13 -3.92
N GLU B 30 -44.56 -1.94 -4.99
CA GLU B 30 -43.75 -3.15 -4.99
C GLU B 30 -42.27 -2.84 -4.83
N ILE B 31 -41.80 -1.79 -5.51
CA ILE B 31 -40.39 -1.41 -5.36
C ILE B 31 -40.09 -1.04 -3.91
N LEU B 32 -40.99 -0.27 -3.28
CA LEU B 32 -40.85 0.08 -1.87
C LEU B 32 -40.71 -1.16 -1.01
N LEU B 33 -41.59 -2.14 -1.26
CA LEU B 33 -41.66 -3.35 -0.46
C LEU B 33 -40.35 -4.12 -0.51
N LYS B 34 -39.79 -4.26 -1.71
CA LYS B 34 -38.52 -4.98 -1.89
C LYS B 34 -37.37 -4.24 -1.20
N ALA B 35 -37.35 -2.91 -1.30
CA ALA B 35 -36.28 -2.15 -0.67
C ALA B 35 -36.29 -2.30 0.83
N VAL B 36 -37.47 -2.23 1.45
CA VAL B 36 -37.56 -2.30 2.91
C VAL B 36 -37.12 -3.68 3.39
N LYS B 37 -37.57 -4.74 2.72
CA LYS B 37 -37.15 -6.09 3.12
C LYS B 37 -35.64 -6.25 2.95
N ARG B 38 -35.06 -5.64 1.92
CA ARG B 38 -33.62 -5.75 1.74
C ARG B 38 -32.87 -4.90 2.76
N ARG B 39 -33.31 -3.67 3.00
CA ARG B 39 -32.61 -2.81 3.96
C ARG B 39 -32.70 -3.39 5.37
N LYS B 40 -33.87 -3.90 5.75
CA LYS B 40 -34.12 -4.34 7.12
C LYS B 40 -34.09 -5.85 7.29
N GLY B 41 -33.89 -6.61 6.21
CA GLY B 41 -33.89 -8.05 6.37
C GLY B 41 -35.27 -8.69 6.35
N SER B 42 -36.20 -8.07 7.07
CA SER B 42 -37.57 -8.63 7.19
C SER B 42 -38.59 -7.75 6.49
N GLN B 43 -39.71 -8.33 6.13
CA GLN B 43 -40.80 -7.59 5.47
C GLN B 43 -41.62 -6.89 6.56
N LYS B 44 -41.28 -7.13 7.83
CA LYS B 44 -42.10 -6.58 8.94
C LYS B 44 -42.25 -5.07 8.74
N VAL B 45 -43.49 -4.58 8.79
CA VAL B 45 -43.73 -3.13 8.54
C VAL B 45 -43.02 -2.32 9.61
N SER B 46 -43.10 -2.77 10.87
CA SER B 46 -42.42 -2.10 12.01
C SER B 46 -43.16 -0.83 12.42
N GLY B 47 -42.68 -0.17 13.46
CA GLY B 47 -43.34 1.06 13.94
C GLY B 47 -43.30 2.21 12.94
N PRO B 48 -42.14 2.54 12.34
CA PRO B 48 -42.11 3.59 11.32
C PRO B 48 -42.49 3.07 9.94
N GLN B 49 -43.35 3.79 9.22
CA GLN B 49 -43.63 3.40 7.82
C GLN B 49 -42.63 4.14 6.92
N TYR B 50 -42.52 3.75 5.65
CA TYR B 50 -41.47 4.30 4.81
C TYR B 50 -42.10 4.90 3.57
N ARG B 51 -41.40 5.85 2.97
CA ARG B 51 -41.85 6.50 1.75
C ARG B 51 -40.74 6.45 0.73
N LEU B 52 -41.11 6.63 -0.53
CA LEU B 52 -40.16 6.72 -1.64
C LEU B 52 -40.23 8.12 -2.22
N GLU B 53 -39.06 8.71 -2.45
CA GLU B 53 -38.96 10.02 -3.09
C GLU B 53 -38.10 9.90 -4.34
N LYS B 54 -38.54 10.54 -5.42
CA LYS B 54 -37.66 10.71 -6.57
C LYS B 54 -36.42 11.46 -6.14
N GLN B 55 -35.26 11.03 -6.64
CA GLN B 55 -34.01 11.67 -6.26
C GLN B 55 -34.02 13.15 -6.61
N SER B 56 -34.68 13.52 -7.72
CA SER B 56 -34.72 14.92 -8.15
C SER B 56 -35.68 15.77 -7.33
N GLU B 57 -36.61 15.16 -6.59
CA GLU B 57 -37.65 15.90 -5.88
C GLU B 57 -37.63 15.52 -4.40
N PRO B 58 -36.82 16.21 -3.60
CA PRO B 58 -36.72 15.87 -2.17
C PRO B 58 -37.98 16.22 -1.40
N ASN B 59 -38.19 15.49 -0.31
CA ASN B 59 -39.26 15.70 0.68
C ASN B 59 -40.65 15.46 0.11
N VAL B 60 -40.77 14.87 -1.07
CA VAL B 60 -42.06 14.65 -1.71
C VAL B 60 -42.27 13.15 -1.85
N ALA B 61 -43.41 12.66 -1.35
CA ALA B 61 -43.70 11.23 -1.37
C ALA B 61 -44.25 10.83 -2.73
N VAL B 62 -43.72 9.74 -3.27
CA VAL B 62 -44.17 9.20 -4.55
C VAL B 62 -45.49 8.48 -4.34
N ASP B 63 -46.40 8.61 -5.31
CA ASP B 63 -47.62 7.81 -5.34
C ASP B 63 -47.25 6.34 -5.43
N LEU B 64 -47.50 5.57 -4.36
CA LEU B 64 -47.12 4.17 -4.33
C LEU B 64 -47.90 3.33 -5.33
N ASP B 65 -49.10 3.75 -5.70
CA ASP B 65 -49.90 3.02 -6.68
C ASP B 65 -49.54 3.37 -8.12
N SER B 66 -48.65 4.33 -8.33
CA SER B 66 -48.24 4.69 -9.68
C SER B 66 -47.21 3.69 -10.22
N THR B 67 -47.16 3.59 -11.54
CA THR B 67 -46.20 2.70 -12.18
C THR B 67 -44.79 3.27 -12.06
N LEU B 68 -43.77 2.49 -12.40
CA LEU B 68 -42.38 3.01 -12.40
C LEU B 68 -42.18 3.91 -13.61
N GLU B 69 -42.95 3.70 -14.68
CA GLU B 69 -42.88 4.56 -15.88
C GLU B 69 -43.33 5.99 -15.52
N SER B 70 -44.38 6.13 -14.70
CA SER B 70 -44.92 7.45 -14.33
C SER B 70 -43.76 8.30 -13.82
N GLN B 71 -43.00 7.76 -12.89
CA GLN B 71 -41.76 8.39 -12.49
C GLN B 71 -40.79 8.33 -13.67
N SER B 72 -40.30 9.48 -14.11
CA SER B 72 -39.29 9.50 -15.16
C SER B 72 -37.89 9.44 -14.55
N ALA B 73 -37.66 8.41 -13.74
CA ALA B 73 -36.45 8.32 -12.95
C ALA B 73 -36.11 6.87 -12.66
N TRP B 74 -34.86 6.64 -12.32
CA TRP B 74 -34.38 5.32 -11.93
C TRP B 74 -33.67 5.33 -10.59
N GLU B 75 -33.63 6.47 -9.90
CA GLU B 75 -33.03 6.58 -8.58
C GLU B 75 -34.06 7.17 -7.63
N PHE B 76 -34.25 6.52 -6.48
CA PHE B 76 -35.24 6.94 -5.50
C PHE B 76 -34.62 6.92 -4.11
N CYS B 77 -35.19 7.73 -3.23
CA CYS B 77 -34.77 7.83 -1.84
C CYS B 77 -35.77 7.11 -0.96
N LEU B 78 -35.28 6.16 -0.16
CA LEU B 78 -36.10 5.48 0.83
C LEU B 78 -35.96 6.25 2.14
N VAL B 79 -37.07 6.83 2.59
CA VAL B 79 -37.05 7.69 3.81
C VAL B 79 -38.22 7.33 4.73
N ARG B 80 -37.95 7.23 6.02
CA ARG B 80 -39.04 6.98 6.99
C ARG B 80 -39.97 8.18 6.98
N GLU B 81 -41.27 7.95 7.12
CA GLU B 81 -42.27 9.04 7.01
C GLU B 81 -42.05 10.10 8.10
N ASN B 82 -41.58 9.69 9.27
CA ASN B 82 -41.34 10.62 10.40
C ASN B 82 -40.09 11.46 10.15
N SER B 83 -39.19 11.02 9.26
CA SER B 83 -37.90 11.73 9.08
C SER B 83 -37.78 12.41 7.73
N SER B 84 -36.59 12.91 7.42
CA SER B 84 -36.32 13.59 6.15
C SER B 84 -35.09 12.97 5.50
N ARG B 85 -34.91 13.18 4.20
CA ARG B 85 -33.73 12.67 3.47
C ARG B 85 -32.49 13.28 4.12
N ALA B 86 -32.62 14.48 4.68
CA ALA B 86 -31.41 15.12 5.19
C ALA B 86 -30.94 14.55 6.52
N ASP B 87 -31.74 13.72 7.18
CA ASP B 87 -31.32 13.10 8.43
C ASP B 87 -30.40 11.90 8.21
N GLY B 88 -30.33 11.37 6.99
CA GLY B 88 -29.52 10.21 6.71
C GLY B 88 -28.07 10.56 6.45
N VAL B 89 -27.28 9.51 6.21
CA VAL B 89 -25.86 9.66 5.90
C VAL B 89 -25.56 9.45 4.43
N PHE B 90 -26.40 8.72 3.71
CA PHE B 90 -26.19 8.40 2.30
C PHE B 90 -26.84 9.46 1.42
N GLU B 91 -27.13 9.10 0.16
CA GLU B 91 -27.46 10.02 -0.93
C GLU B 91 -26.24 10.86 -1.24
N GLU B 92 -25.18 10.17 -1.66
CA GLU B 92 -23.83 10.68 -1.81
C GLU B 92 -23.55 11.11 -3.25
N ASP B 93 -22.52 11.95 -3.40
CA ASP B 93 -22.09 12.43 -4.71
C ASP B 93 -20.85 11.70 -5.23
N SER B 94 -20.31 10.75 -4.47
CA SER B 94 -19.20 9.93 -4.96
C SER B 94 -19.67 8.69 -5.70
N GLN B 95 -20.96 8.38 -5.63
CA GLN B 95 -21.49 7.19 -6.29
C GLN B 95 -21.59 7.39 -7.80
N ILE B 96 -21.40 6.30 -8.53
CA ILE B 96 -21.50 6.33 -9.99
C ILE B 96 -22.94 6.66 -10.39
N ASP B 97 -23.08 7.46 -11.45
CA ASP B 97 -24.40 7.85 -11.91
C ASP B 97 -25.19 6.62 -12.38
N ILE B 98 -26.52 6.72 -12.29
CA ILE B 98 -27.37 5.55 -12.44
C ILE B 98 -27.29 4.99 -13.86
N ALA B 99 -27.20 5.87 -14.87
CA ALA B 99 -27.20 5.39 -16.25
C ALA B 99 -25.99 4.51 -16.53
N THR B 100 -24.82 4.90 -16.02
CA THR B 100 -23.63 4.06 -16.15
C THR B 100 -23.80 2.75 -15.39
N VAL B 101 -24.40 2.80 -14.20
CA VAL B 101 -24.61 1.58 -13.42
C VAL B 101 -25.53 0.62 -14.17
N GLN B 102 -26.62 1.14 -14.74
CA GLN B 102 -27.51 0.29 -15.51
C GLN B 102 -26.80 -0.28 -16.73
N ASP B 103 -25.89 0.48 -17.32
CA ASP B 103 -25.13 -0.01 -18.47
C ASP B 103 -24.23 -1.17 -18.07
N MET B 104 -23.56 -1.06 -16.91
CA MET B 104 -22.71 -2.16 -16.45
C MET B 104 -23.54 -3.40 -16.13
N LEU B 105 -24.69 -3.23 -15.48
CA LEU B 105 -25.51 -4.37 -15.08
C LEU B 105 -26.18 -5.04 -16.27
N SER B 106 -26.25 -4.37 -17.41
CA SER B 106 -26.95 -4.89 -18.59
C SER B 106 -26.00 -5.41 -19.66
N SER B 107 -24.73 -5.67 -19.30
CA SER B 107 -23.76 -6.06 -20.31
C SER B 107 -24.12 -7.39 -20.96
N HIS B 108 -24.53 -8.38 -20.17
CA HIS B 108 -24.89 -9.68 -20.71
C HIS B 108 -26.23 -9.65 -21.44
N HIS B 109 -27.04 -8.62 -21.21
CA HIS B 109 -28.34 -8.51 -21.85
C HIS B 109 -28.18 -8.41 -23.36
N TYR B 110 -29.06 -9.09 -24.09
CA TYR B 110 -29.00 -9.07 -25.55
C TYR B 110 -29.40 -7.70 -26.06
N LYS B 111 -28.60 -7.15 -26.98
CA LYS B 111 -28.93 -5.92 -27.67
C LYS B 111 -28.35 -5.99 -29.07
N SER B 112 -29.14 -5.57 -30.05
CA SER B 112 -28.73 -5.58 -31.45
C SER B 112 -28.46 -4.17 -31.93
N PHE B 113 -27.46 -4.04 -32.80
CA PHE B 113 -27.08 -2.75 -33.37
C PHE B 113 -26.97 -2.86 -34.88
N LYS B 114 -27.46 -1.85 -35.58
CA LYS B 114 -27.31 -1.76 -37.03
C LYS B 114 -26.00 -1.04 -37.32
N VAL B 115 -25.00 -1.78 -37.81
CA VAL B 115 -23.71 -1.22 -38.16
C VAL B 115 -23.30 -1.75 -39.52
N SER B 116 -22.22 -1.20 -40.06
CA SER B 116 -21.67 -1.61 -41.35
C SER B 116 -20.39 -2.38 -41.11
N MET B 117 -20.29 -3.55 -41.75
CA MET B 117 -19.10 -4.39 -41.65
C MET B 117 -18.19 -4.13 -42.84
N ILE B 118 -16.91 -3.90 -42.57
CA ILE B 118 -15.92 -3.55 -43.59
C ILE B 118 -15.21 -4.81 -44.04
N HIS B 119 -15.10 -4.99 -45.36
CA HIS B 119 -14.44 -6.16 -45.95
C HIS B 119 -13.27 -5.70 -46.81
N ARG B 120 -12.12 -6.36 -46.64
CA ARG B 120 -10.91 -6.09 -47.42
C ARG B 120 -10.53 -4.62 -47.41
N LEU B 121 -10.97 -3.89 -46.38
CA LEU B 121 -10.62 -2.48 -46.16
C LEU B 121 -11.08 -1.57 -47.29
N ARG B 122 -11.98 -2.04 -48.15
CA ARG B 122 -12.46 -1.21 -49.25
C ARG B 122 -13.97 -1.30 -49.47
N PHE B 123 -14.68 -2.17 -48.75
CA PHE B 123 -16.09 -2.40 -48.98
C PHE B 123 -16.83 -2.45 -47.65
N THR B 124 -18.14 -2.21 -47.71
CA THR B 124 -19.00 -2.27 -46.54
C THR B 124 -20.24 -3.10 -46.84
N THR B 125 -20.80 -3.70 -45.79
CA THR B 125 -22.09 -4.35 -45.86
C THR B 125 -22.88 -4.01 -44.60
N ASP B 126 -24.15 -3.68 -44.79
CA ASP B 126 -25.02 -3.34 -43.66
C ASP B 126 -25.42 -4.62 -42.94
N VAL B 127 -25.01 -4.74 -41.68
CA VAL B 127 -25.34 -5.91 -40.86
C VAL B 127 -26.01 -5.41 -39.59
N GLN B 128 -26.81 -6.28 -38.99
CA GLN B 128 -27.37 -6.01 -37.66
C GLN B 128 -26.66 -6.92 -36.67
N LEU B 129 -26.01 -6.32 -35.68
CA LEU B 129 -25.03 -6.98 -34.83
C LEU B 129 -25.67 -7.26 -33.48
N GLY B 130 -26.00 -8.53 -33.22
CA GLY B 130 -26.57 -8.92 -31.95
C GLY B 130 -25.50 -9.35 -30.98
N ILE B 131 -25.49 -8.74 -29.80
CA ILE B 131 -24.48 -8.97 -28.78
C ILE B 131 -25.16 -9.38 -27.48
N SER B 132 -24.60 -10.37 -26.81
CA SER B 132 -25.06 -10.77 -25.49
C SER B 132 -23.88 -11.42 -24.78
N GLY B 133 -24.07 -11.71 -23.49
CA GLY B 133 -23.08 -12.46 -22.76
C GLY B 133 -22.85 -13.85 -23.32
N ASP B 134 -23.82 -14.36 -24.10
CA ASP B 134 -23.69 -15.69 -24.68
C ASP B 134 -22.88 -15.66 -25.98
N LYS B 135 -23.23 -14.76 -26.90
CA LYS B 135 -22.68 -14.85 -28.25
C LYS B 135 -22.81 -13.51 -28.96
N VAL B 136 -21.99 -13.34 -29.98
CA VAL B 136 -22.08 -12.20 -30.90
C VAL B 136 -22.49 -12.75 -32.26
N GLU B 137 -23.63 -12.29 -32.76
CA GLU B 137 -24.17 -12.71 -34.04
C GLU B 137 -24.10 -11.56 -35.04
N ILE B 138 -23.68 -11.86 -36.26
CA ILE B 138 -23.61 -10.89 -37.34
C ILE B 138 -24.57 -11.35 -38.43
N ASP B 139 -25.61 -10.57 -38.69
CA ASP B 139 -26.63 -10.94 -39.65
C ASP B 139 -26.90 -9.80 -40.62
N PRO B 140 -27.22 -10.12 -41.87
CA PRO B 140 -27.58 -9.08 -42.83
C PRO B 140 -28.94 -8.49 -42.50
N VAL B 141 -29.24 -7.36 -43.15
CA VAL B 141 -30.58 -6.81 -43.16
C VAL B 141 -30.98 -6.56 -44.61
N THR B 142 -32.30 -6.45 -44.82
CA THR B 142 -32.90 -6.35 -46.15
C THR B 142 -32.29 -5.25 -47.01
N THR B 148 -32.56 -11.32 -55.73
CA THR B 148 -31.38 -12.06 -55.28
C THR B 148 -30.41 -12.24 -56.46
N LYS B 149 -30.94 -12.11 -57.68
CA LYS B 149 -30.08 -12.15 -58.85
C LYS B 149 -29.04 -11.03 -58.82
N PHE B 150 -29.37 -9.91 -58.18
CA PHE B 150 -28.46 -8.79 -58.06
C PHE B 150 -28.09 -8.51 -56.60
N TRP B 151 -28.14 -9.55 -55.76
CA TRP B 151 -27.61 -9.45 -54.40
C TRP B 151 -27.41 -10.83 -53.78
N ILE B 152 -26.19 -11.13 -53.36
CA ILE B 152 -25.94 -12.27 -52.49
C ILE B 152 -25.86 -11.78 -51.04
N LYS B 153 -26.66 -12.42 -50.19
CA LYS B 153 -26.66 -12.09 -48.76
C LYS B 153 -25.37 -12.61 -48.12
N GLN B 154 -25.10 -12.09 -46.93
CA GLN B 154 -23.89 -12.44 -46.19
C GLN B 154 -24.16 -13.67 -45.32
N LYS B 155 -23.17 -14.56 -45.26
CA LYS B 155 -23.30 -15.76 -44.45
C LYS B 155 -23.46 -15.38 -42.99
N PRO B 156 -24.51 -15.82 -42.31
CA PRO B 156 -24.67 -15.49 -40.89
C PRO B 156 -23.52 -16.05 -40.07
N ILE B 157 -23.04 -15.24 -39.13
CA ILE B 157 -21.87 -15.59 -38.33
C ILE B 157 -22.22 -15.46 -36.86
N SER B 158 -21.99 -16.54 -36.10
CA SER B 158 -22.16 -16.57 -34.67
C SER B 158 -20.82 -16.85 -34.01
N ILE B 159 -20.42 -15.99 -33.08
CA ILE B 159 -19.17 -16.13 -32.36
C ILE B 159 -19.50 -16.33 -30.89
N ASP B 160 -19.12 -17.48 -30.35
CA ASP B 160 -19.32 -17.73 -28.92
C ASP B 160 -18.47 -16.77 -28.11
N SER B 161 -19.04 -16.29 -26.99
CA SER B 161 -18.36 -15.28 -26.19
C SER B 161 -17.01 -15.75 -25.68
N ASP B 162 -16.87 -17.05 -25.41
CA ASP B 162 -15.59 -17.57 -24.92
C ASP B 162 -14.49 -17.51 -25.97
N LEU B 163 -14.85 -17.35 -27.25
CA LEU B 163 -13.86 -17.19 -28.31
C LEU B 163 -13.40 -15.75 -28.48
N LEU B 164 -14.09 -14.79 -27.88
CA LEU B 164 -13.75 -13.38 -28.05
C LEU B 164 -12.46 -13.05 -27.29
N CYS B 165 -11.58 -12.32 -27.96
CA CYS B 165 -10.31 -11.88 -27.37
C CYS B 165 -10.27 -10.39 -27.09
N ALA B 166 -10.68 -9.57 -28.05
CA ALA B 166 -10.61 -8.13 -27.89
C ALA B 166 -11.68 -7.44 -28.72
N CYS B 167 -12.07 -6.25 -28.27
CA CYS B 167 -12.99 -5.40 -29.01
C CYS B 167 -12.58 -3.96 -28.72
N ASP B 168 -11.87 -3.35 -29.65
CA ASP B 168 -11.21 -2.07 -29.42
C ASP B 168 -11.69 -1.03 -30.42
N LEU B 169 -11.58 0.24 -30.04
CA LEU B 169 -11.92 1.35 -30.98
C LEU B 169 -10.70 1.59 -31.88
N ALA B 170 -10.80 1.20 -33.14
CA ALA B 170 -9.69 1.40 -34.09
C ALA B 170 -9.50 2.88 -34.44
N GLU B 171 -10.57 3.57 -34.83
CA GLU B 171 -10.47 4.99 -35.23
C GLU B 171 -11.74 5.76 -34.89
N GLU B 172 -11.61 7.03 -34.54
CA GLU B 172 -12.80 7.88 -34.27
C GLU B 172 -12.56 9.20 -35.00
N LYS B 173 -13.36 9.51 -36.02
CA LYS B 173 -13.19 10.71 -36.83
C LYS B 173 -14.18 11.80 -36.50
N SER B 174 -15.43 11.45 -36.18
CA SER B 174 -16.52 12.39 -36.01
C SER B 174 -17.67 11.65 -35.33
N PRO B 175 -18.65 12.37 -34.77
CA PRO B 175 -19.77 11.68 -34.11
C PRO B 175 -20.56 10.78 -35.03
N SER B 176 -20.40 10.92 -36.35
CA SER B 176 -21.11 10.08 -37.31
C SER B 176 -20.23 8.99 -37.91
N HIS B 177 -18.96 8.92 -37.55
CA HIS B 177 -18.05 7.94 -38.13
C HIS B 177 -17.08 7.42 -37.07
N ALA B 178 -17.05 6.11 -36.88
CA ALA B 178 -16.10 5.47 -35.97
C ALA B 178 -15.97 4.01 -36.36
N ILE B 179 -14.78 3.47 -36.16
CA ILE B 179 -14.46 2.09 -36.53
C ILE B 179 -13.95 1.36 -35.29
N PHE B 180 -14.42 0.12 -35.10
CA PHE B 180 -13.92 -0.73 -34.04
C PHE B 180 -13.59 -2.11 -34.58
N LYS B 181 -12.65 -2.76 -33.93
CA LYS B 181 -12.09 -4.04 -34.36
C LYS B 181 -12.48 -5.12 -33.36
N LEU B 182 -12.94 -6.26 -33.88
CA LEU B 182 -13.38 -7.38 -33.05
C LEU B 182 -12.50 -8.59 -33.36
N THR B 183 -11.68 -8.99 -32.39
CA THR B 183 -10.77 -10.12 -32.54
C THR B 183 -11.39 -11.34 -31.87
N TYR B 184 -11.23 -12.51 -32.50
CA TYR B 184 -11.72 -13.73 -31.88
C TYR B 184 -10.93 -14.92 -32.40
N LEU B 185 -11.02 -16.02 -31.66
CA LEU B 185 -10.28 -17.24 -31.95
C LEU B 185 -11.10 -18.08 -32.94
N SER B 186 -10.48 -18.40 -34.07
CA SER B 186 -11.12 -19.19 -35.13
C SER B 186 -10.21 -20.36 -35.48
N ASN B 187 -10.42 -21.50 -34.82
CA ASN B 187 -9.71 -22.74 -35.13
C ASN B 187 -8.19 -22.53 -35.02
N HIS B 188 -7.75 -22.18 -33.82
CA HIS B 188 -6.33 -21.95 -33.50
C HIS B 188 -5.74 -20.78 -34.27
N ASP B 189 -6.58 -19.93 -34.86
CA ASP B 189 -6.13 -18.73 -35.55
C ASP B 189 -7.07 -17.59 -35.20
N TYR B 190 -6.52 -16.37 -35.17
CA TYR B 190 -7.25 -15.20 -34.71
C TYR B 190 -7.74 -14.40 -35.91
N LYS B 191 -9.06 -14.29 -36.06
CA LYS B 191 -9.68 -13.47 -37.08
C LYS B 191 -10.05 -12.10 -36.51
N HIS B 192 -10.02 -11.10 -37.38
CA HIS B 192 -10.32 -9.72 -37.01
C HIS B 192 -11.46 -9.20 -37.86
N LEU B 193 -12.45 -8.60 -37.22
CA LEU B 193 -13.61 -8.03 -37.89
C LEU B 193 -13.67 -6.54 -37.59
N TYR B 194 -13.87 -5.75 -38.63
CA TYR B 194 -13.98 -4.30 -38.52
C TYR B 194 -15.42 -3.87 -38.82
N PHE B 195 -15.94 -2.96 -38.00
CA PHE B 195 -17.27 -2.41 -38.18
C PHE B 195 -17.20 -0.89 -38.12
N GLU B 196 -18.20 -0.25 -38.71
CA GLU B 196 -18.27 1.20 -38.75
C GLU B 196 -19.69 1.64 -38.40
N SER B 197 -19.79 2.72 -37.65
CA SER B 197 -21.06 3.36 -37.31
C SER B 197 -20.76 4.72 -36.70
N ASP B 198 -21.80 5.37 -36.19
CA ASP B 198 -21.63 6.63 -35.49
C ASP B 198 -20.87 6.41 -34.19
N ALA B 199 -20.21 7.48 -33.73
CA ALA B 199 -19.32 7.35 -32.57
C ALA B 199 -20.06 6.86 -31.33
N ALA B 200 -21.29 7.36 -31.11
CA ALA B 200 -22.06 6.95 -29.95
C ALA B 200 -22.38 5.45 -29.99
N THR B 201 -22.78 4.96 -31.16
CA THR B 201 -23.11 3.53 -31.29
C THR B 201 -21.87 2.66 -31.09
N VAL B 202 -20.74 3.05 -31.69
CA VAL B 202 -19.53 2.25 -31.57
C VAL B 202 -19.03 2.25 -30.12
N ASN B 203 -19.07 3.41 -29.47
CA ASN B 203 -18.62 3.49 -28.08
C ASN B 203 -19.45 2.59 -27.18
N GLU B 204 -20.77 2.53 -27.42
CA GLU B 204 -21.62 1.63 -26.64
C GLU B 204 -21.28 0.17 -26.90
N ILE B 205 -21.04 -0.19 -28.17
CA ILE B 205 -20.72 -1.58 -28.50
C ILE B 205 -19.38 -1.98 -27.88
N VAL B 206 -18.37 -1.14 -28.07
CA VAL B 206 -17.03 -1.45 -27.55
C VAL B 206 -17.08 -1.61 -26.04
N LEU B 207 -17.83 -0.74 -25.36
CA LEU B 207 -17.93 -0.81 -23.91
C LEU B 207 -18.71 -2.05 -23.46
N LYS B 208 -19.77 -2.39 -24.21
CA LYS B 208 -20.59 -3.54 -23.83
C LYS B 208 -19.81 -4.84 -23.92
N VAL B 209 -19.02 -5.02 -24.98
CA VAL B 209 -18.23 -6.24 -25.13
C VAL B 209 -17.10 -6.28 -24.11
N ASN B 210 -16.48 -5.13 -23.84
CA ASN B 210 -15.38 -5.09 -22.88
C ASN B 210 -15.85 -5.48 -21.48
N TYR B 211 -17.08 -5.09 -21.11
CA TYR B 211 -17.66 -5.58 -19.87
C TYR B 211 -17.75 -7.10 -19.89
N ILE B 212 -18.15 -7.67 -21.03
CA ILE B 212 -18.28 -9.12 -21.15
C ILE B 212 -16.92 -9.80 -21.07
N LEU B 213 -15.89 -9.18 -21.65
CA LEU B 213 -14.57 -9.80 -21.67
C LEU B 213 -13.96 -9.90 -20.27
N GLU B 214 -14.18 -8.89 -19.43
CA GLU B 214 -13.70 -8.94 -18.05
C GLU B 214 -14.58 -9.82 -17.17
N SER B 215 -15.43 -10.64 -17.79
CA SER B 215 -16.23 -11.64 -17.10
C SER B 215 -15.81 -13.06 -17.42
N ARG B 216 -15.02 -13.27 -18.47
CA ARG B 216 -14.65 -14.59 -18.97
C ARG B 216 -13.15 -14.61 -19.24
N ALA B 217 -12.63 -15.73 -19.76
CA ALA B 217 -11.19 -15.92 -19.83
C ALA B 217 -10.86 -17.05 -20.79
N SER B 218 -9.60 -17.52 -20.72
CA SER B 218 -9.01 -18.74 -21.25
C SER B 218 -8.66 -18.67 -22.73
N THR B 219 -9.02 -17.62 -23.46
CA THR B 219 -8.55 -17.50 -24.84
C THR B 219 -7.97 -16.11 -25.06
N ALA B 220 -8.50 -15.11 -24.34
CA ALA B 220 -7.92 -13.78 -24.38
C ALA B 220 -6.51 -13.77 -23.81
N ARG B 221 -6.29 -14.53 -22.73
CA ARG B 221 -4.96 -14.57 -22.11
C ARG B 221 -3.93 -15.16 -23.05
N ALA B 222 -4.30 -16.21 -23.80
CA ALA B 222 -3.40 -16.74 -24.81
C ALA B 222 -3.14 -15.72 -25.91
N ASP B 223 -4.18 -14.97 -26.30
CA ASP B 223 -4.00 -13.89 -27.27
C ASP B 223 -3.09 -12.80 -26.72
N TYR B 224 -3.28 -12.45 -25.44
CA TYR B 224 -2.44 -11.40 -24.85
C TYR B 224 -1.02 -11.89 -24.60
N PHE B 225 -0.84 -13.18 -24.32
CA PHE B 225 0.50 -13.73 -24.22
C PHE B 225 1.23 -13.66 -25.56
N ALA B 226 0.51 -13.94 -26.65
CA ALA B 226 1.10 -13.84 -27.98
C ALA B 226 1.47 -12.40 -28.32
N GLN B 227 0.66 -11.44 -27.88
CA GLN B 227 0.93 -10.03 -28.13
C GLN B 227 2.21 -9.58 -27.45
N GLY C 1 -6.09 1.59 -2.73
CA GLY C 1 -5.03 2.38 -2.13
C GLY C 1 -4.13 3.06 -3.14
N MET C 2 -3.31 3.99 -2.67
CA MET C 2 -2.37 4.71 -3.52
C MET C 2 -0.98 4.10 -3.38
N THR C 3 -0.31 3.90 -4.52
CA THR C 3 0.94 3.16 -4.53
C THR C 3 2.05 3.94 -3.83
N GLU C 4 2.78 3.25 -2.96
CA GLU C 4 3.88 3.84 -2.20
C GLU C 4 5.21 3.25 -2.68
N TYR C 5 6.13 4.11 -3.08
CA TYR C 5 7.49 3.71 -3.45
C TYR C 5 8.45 4.23 -2.39
N LYS C 6 9.27 3.36 -1.85
CA LYS C 6 10.15 3.72 -0.75
C LYS C 6 11.54 3.96 -1.31
N LEU C 7 11.99 5.20 -1.28
CA LEU C 7 13.24 5.62 -1.91
C LEU C 7 14.30 5.86 -0.84
N VAL C 8 15.54 5.46 -1.13
CA VAL C 8 16.66 5.67 -0.23
C VAL C 8 17.79 6.32 -1.03
N VAL C 9 18.32 7.42 -0.50
CA VAL C 9 19.41 8.15 -1.15
C VAL C 9 20.69 7.89 -0.35
N VAL C 10 21.69 7.32 -1.01
CA VAL C 10 22.95 6.96 -0.38
C VAL C 10 24.10 7.57 -1.15
N GLY C 11 25.25 7.64 -0.50
CA GLY C 11 26.44 8.22 -1.09
C GLY C 11 27.34 8.81 -0.03
N ALA C 12 28.54 9.17 -0.45
CA ALA C 12 29.52 9.73 0.46
C ALA C 12 29.07 11.10 0.96
N GLY C 13 29.84 11.64 1.91
CA GLY C 13 29.46 12.91 2.51
C GLY C 13 29.62 14.07 1.56
N GLY C 14 28.65 15.00 1.61
CA GLY C 14 28.75 16.25 0.88
C GLY C 14 28.50 16.15 -0.61
N VAL C 15 28.06 15.00 -1.13
CA VAL C 15 27.83 14.88 -2.56
C VAL C 15 26.58 15.61 -3.02
N GLY C 16 25.72 16.01 -2.10
CA GLY C 16 24.48 16.66 -2.43
C GLY C 16 23.22 15.83 -2.28
N LYS C 17 23.27 14.73 -1.52
CA LYS C 17 22.08 13.89 -1.34
C LYS C 17 20.91 14.70 -0.82
N SER C 18 21.16 15.50 0.23
CA SER C 18 20.11 16.34 0.78
C SER C 18 19.67 17.40 -0.22
N ALA C 19 20.62 17.92 -1.00
CA ALA C 19 20.29 18.93 -2.00
C ALA C 19 19.38 18.37 -3.08
N LEU C 20 19.62 17.12 -3.52
CA LEU C 20 18.73 16.57 -4.54
C LEU C 20 17.33 16.37 -3.97
N THR C 21 17.24 15.87 -2.74
CA THR C 21 15.96 15.53 -2.14
C THR C 21 15.12 16.77 -1.89
N ILE C 22 15.71 17.80 -1.25
CA ILE C 22 14.99 19.04 -1.02
C ILE C 22 14.59 19.68 -2.35
N GLN C 23 15.41 19.51 -3.39
CA GLN C 23 15.05 19.97 -4.71
C GLN C 23 13.78 19.28 -5.21
N LEU C 24 13.66 17.97 -4.96
CA LEU C 24 12.47 17.25 -5.37
C LEU C 24 11.27 17.58 -4.48
N ILE C 25 11.51 17.87 -3.21
CA ILE C 25 10.42 18.02 -2.23
C ILE C 25 9.93 19.47 -2.21
N ALA C 26 10.82 20.40 -1.89
CA ALA C 26 10.45 21.81 -1.73
C ALA C 26 10.79 22.67 -2.95
N ASN C 27 11.37 22.07 -3.99
CA ASN C 27 11.61 22.77 -5.27
C ASN C 27 12.47 24.02 -5.10
N HIS C 28 13.53 23.91 -4.30
CA HIS C 28 14.51 24.99 -4.21
C HIS C 28 15.83 24.40 -3.72
N PHE C 29 16.90 25.17 -3.91
CA PHE C 29 18.26 24.71 -3.68
C PHE C 29 18.75 25.17 -2.32
N VAL C 30 19.36 24.26 -1.57
CA VAL C 30 19.95 24.56 -0.27
C VAL C 30 21.45 24.72 -0.47
N ASP C 31 21.96 25.93 -0.25
CA ASP C 31 23.35 26.23 -0.49
C ASP C 31 24.26 25.86 0.68
N GLU C 32 23.72 25.78 1.89
CA GLU C 32 24.54 25.50 3.07
C GLU C 32 24.71 24.00 3.26
N TYR C 33 25.83 23.62 3.86
CA TYR C 33 26.20 22.23 4.07
C TYR C 33 25.85 21.86 5.51
N ASP C 34 24.64 21.32 5.70
CA ASP C 34 24.18 20.86 7.00
C ASP C 34 24.12 19.33 6.97
N PRO C 35 25.09 18.64 7.56
CA PRO C 35 25.19 17.19 7.38
C PRO C 35 23.96 16.44 7.88
N THR C 36 23.62 15.38 7.16
CA THR C 36 22.43 14.59 7.42
C THR C 36 22.75 13.47 8.42
N ILE C 37 21.93 13.36 9.46
CA ILE C 37 21.96 12.17 10.30
C ILE C 37 21.05 11.13 9.65
N GLU C 38 19.77 11.47 9.55
CA GLU C 38 18.82 10.77 8.70
C GLU C 38 17.47 11.48 8.75
N ASP C 39 16.83 11.55 7.59
CA ASP C 39 15.64 12.35 7.35
C ASP C 39 14.72 11.58 6.41
N SER C 40 13.43 11.68 6.67
CA SER C 40 12.40 11.00 5.91
C SER C 40 11.47 12.03 5.30
N TYR C 41 11.01 11.75 4.08
CA TYR C 41 10.13 12.66 3.35
C TYR C 41 9.08 11.85 2.62
N ARG C 42 7.81 12.23 2.79
CA ARG C 42 6.69 11.61 2.11
C ARG C 42 6.01 12.66 1.25
N LYS C 43 6.13 12.52 -0.07
CA LYS C 43 5.56 13.48 -1.00
C LYS C 43 4.69 12.75 -2.02
N GLN C 44 3.46 13.22 -2.16
CA GLN C 44 2.55 12.69 -3.17
C GLN C 44 2.94 13.23 -4.53
N VAL C 45 3.28 12.33 -5.45
CA VAL C 45 3.86 12.71 -6.73
C VAL C 45 3.12 12.01 -7.86
N VAL C 46 2.93 12.71 -8.97
CA VAL C 46 2.35 12.16 -10.19
C VAL C 46 3.46 11.62 -11.09
N ILE C 47 3.50 10.29 -11.23
CA ILE C 47 4.39 9.60 -12.16
C ILE C 47 3.62 8.46 -12.80
N ASP C 48 3.93 8.17 -14.07
CA ASP C 48 3.23 7.21 -14.90
C ASP C 48 1.77 7.60 -15.13
N GLY C 49 1.39 8.83 -14.82
CA GLY C 49 0.03 9.31 -15.01
C GLY C 49 -0.86 9.23 -13.79
N GLU C 50 -0.43 8.51 -12.75
CA GLU C 50 -1.24 8.34 -11.54
C GLU C 50 -0.46 8.85 -10.33
N THR C 51 -1.17 9.51 -9.42
CA THR C 51 -0.55 9.98 -8.19
C THR C 51 -0.06 8.81 -7.35
N CYS C 52 1.03 9.03 -6.63
CA CYS C 52 1.61 8.00 -5.77
C CYS C 52 2.41 8.69 -4.68
N LEU C 53 2.75 7.92 -3.65
CA LEU C 53 3.52 8.42 -2.52
C LEU C 53 4.97 7.97 -2.67
N LEU C 54 5.89 8.94 -2.65
CA LEU C 54 7.32 8.65 -2.64
C LEU C 54 7.83 8.83 -1.21
N ASP C 55 8.16 7.71 -0.58
CA ASP C 55 8.77 7.75 0.75
C ASP C 55 10.28 7.76 0.56
N ILE C 56 10.90 8.92 0.75
CA ILE C 56 12.31 9.13 0.47
C ILE C 56 13.05 9.21 1.80
N LEU C 57 14.09 8.40 1.95
CA LEU C 57 14.97 8.46 3.10
C LEU C 57 16.28 9.13 2.70
N ASP C 58 16.64 10.19 3.40
CA ASP C 58 17.89 10.89 3.18
C ASP C 58 18.88 10.43 4.25
N THR C 59 19.95 9.78 3.82
CA THR C 59 20.88 9.11 4.73
C THR C 59 22.15 9.92 4.93
N ALA C 60 22.97 9.45 5.86
CA ALA C 60 24.21 10.12 6.22
C ALA C 60 25.35 9.69 5.30
N GLY C 61 26.17 10.65 4.90
CA GLY C 61 27.42 10.35 4.26
C GLY C 61 28.59 10.16 5.21
N GLN C 62 28.39 10.52 6.48
CA GLN C 62 29.42 10.33 7.48
C GLN C 62 29.41 8.89 8.00
N GLU C 63 30.60 8.37 8.28
CA GLU C 63 30.73 6.99 8.72
C GLU C 63 30.34 6.78 10.17
N GLU C 64 30.31 7.84 10.98
CA GLU C 64 29.93 7.70 12.38
C GLU C 64 28.52 7.15 12.51
N TYR C 65 27.63 7.53 11.59
CA TYR C 65 26.25 7.07 11.58
C TYR C 65 26.05 5.85 10.69
N SER C 66 27.10 5.05 10.48
CA SER C 66 27.00 3.85 9.65
C SER C 66 26.04 2.82 10.24
N ALA C 67 25.84 2.84 11.56
CA ALA C 67 25.02 1.82 12.21
C ALA C 67 23.59 1.81 11.68
N MET C 68 23.14 2.91 11.07
CA MET C 68 21.78 3.01 10.56
C MET C 68 21.57 2.29 9.25
N ARG C 69 22.65 1.92 8.55
CA ARG C 69 22.50 1.42 7.19
C ARG C 69 21.74 0.11 7.14
N ASP C 70 22.02 -0.81 8.08
CA ASP C 70 21.41 -2.13 8.03
C ASP C 70 19.89 -2.07 7.99
N GLN C 71 19.30 -1.16 8.75
CA GLN C 71 17.85 -1.12 8.85
C GLN C 71 17.15 -0.33 7.76
N TYR C 72 17.71 0.76 7.25
CA TYR C 72 17.05 1.34 6.09
C TYR C 72 17.30 0.55 4.82
N MET C 73 18.40 -0.22 4.75
CA MET C 73 18.70 -0.97 3.54
C MET C 73 17.80 -2.19 3.36
N ARG C 74 17.20 -2.69 4.43
CA ARG C 74 16.27 -3.81 4.30
C ARG C 74 14.82 -3.36 4.10
N THR C 75 14.49 -2.12 4.46
CA THR C 75 13.14 -1.60 4.21
C THR C 75 13.02 -0.98 2.82
N GLY C 76 14.06 -0.30 2.36
CA GLY C 76 13.95 0.45 1.12
C GLY C 76 13.77 -0.46 -0.08
N GLU C 77 13.10 0.08 -1.10
CA GLU C 77 12.84 -0.64 -2.34
C GLU C 77 13.79 -0.23 -3.46
N GLY C 78 14.15 1.06 -3.54
CA GLY C 78 15.12 1.52 -4.51
C GLY C 78 16.13 2.41 -3.84
N PHE C 79 17.31 2.50 -4.47
CA PHE C 79 18.44 3.23 -3.89
C PHE C 79 19.02 4.18 -4.94
N LEU C 80 19.10 5.45 -4.58
CA LEU C 80 19.72 6.47 -5.42
C LEU C 80 21.17 6.65 -4.96
N CYS C 81 22.10 6.12 -5.75
CA CYS C 81 23.53 6.17 -5.40
C CYS C 81 24.13 7.42 -6.03
N VAL C 82 24.55 8.36 -5.18
CA VAL C 82 24.93 9.70 -5.61
C VAL C 82 26.42 9.89 -5.38
N PHE C 83 27.08 10.49 -6.37
CA PHE C 83 28.46 10.94 -6.23
C PHE C 83 28.58 12.32 -6.86
N ALA C 84 29.62 13.05 -6.45
CA ALA C 84 29.91 14.37 -6.98
C ALA C 84 31.02 14.28 -8.01
N ILE C 85 30.83 14.95 -9.14
CA ILE C 85 31.78 14.84 -10.24
C ILE C 85 33.12 15.49 -9.90
N ASN C 86 33.15 16.38 -8.92
CA ASN C 86 34.37 17.03 -8.48
C ASN C 86 35.08 16.25 -7.38
N ASN C 87 34.55 15.09 -7.01
CA ASN C 87 35.08 14.26 -5.92
C ASN C 87 35.23 12.84 -6.45
N THR C 88 36.41 12.55 -7.03
CA THR C 88 36.67 11.19 -7.51
C THR C 88 36.59 10.14 -6.41
N LYS C 89 36.83 10.49 -5.15
CA LYS C 89 36.59 9.47 -4.14
C LYS C 89 35.11 9.19 -3.95
N SER C 90 34.26 10.21 -3.95
CA SER C 90 32.83 9.94 -3.82
C SER C 90 32.35 8.99 -4.93
N PHE C 91 33.00 9.02 -6.10
CA PHE C 91 32.68 8.05 -7.14
C PHE C 91 33.14 6.65 -6.76
N GLU C 92 34.30 6.53 -6.12
CA GLU C 92 34.81 5.22 -5.72
C GLU C 92 33.96 4.59 -4.63
N ASP C 93 33.37 5.41 -3.76
CA ASP C 93 32.58 4.91 -2.64
C ASP C 93 31.29 4.25 -3.09
N ILE C 94 30.90 4.39 -4.36
CA ILE C 94 29.64 3.83 -4.83
C ILE C 94 29.64 2.32 -4.72
N HIS C 95 30.76 1.67 -5.08
CA HIS C 95 30.83 0.22 -5.02
C HIS C 95 30.70 -0.29 -3.60
N HIS C 96 31.37 0.36 -2.65
CA HIS C 96 31.23 -0.04 -1.24
C HIS C 96 29.78 0.04 -0.79
N TYR C 97 29.03 1.03 -1.32
CA TYR C 97 27.60 1.11 -1.05
C TYR C 97 26.81 0.05 -1.80
N ARG C 98 27.39 -0.59 -2.82
CA ARG C 98 26.56 -1.42 -3.70
C ARG C 98 26.37 -2.84 -3.18
N GLU C 99 27.46 -3.58 -2.91
CA GLU C 99 27.24 -4.86 -2.23
C GLU C 99 26.49 -4.65 -0.93
N GLN C 100 26.87 -3.62 -0.18
CA GLN C 100 26.30 -3.41 1.14
C GLN C 100 24.79 -3.28 1.07
N ILE C 101 24.27 -2.84 -0.08
CA ILE C 101 22.83 -2.87 -0.31
C ILE C 101 22.38 -4.27 -0.69
N LYS C 102 23.02 -4.86 -1.70
CA LYS C 102 22.60 -6.14 -2.24
C LYS C 102 23.10 -7.33 -1.42
N ARG C 103 23.89 -7.09 -0.38
CA ARG C 103 24.26 -8.16 0.55
C ARG C 103 23.21 -8.31 1.65
N VAL C 104 22.87 -7.19 2.32
CA VAL C 104 21.81 -7.20 3.31
C VAL C 104 20.46 -7.52 2.68
N LYS C 105 20.21 -7.08 1.45
CA LYS C 105 19.01 -7.49 0.76
C LYS C 105 19.00 -8.98 0.51
N ASP C 106 20.17 -9.61 0.45
CA ASP C 106 20.29 -10.99 0.01
C ASP C 106 19.58 -11.20 -1.33
N SER C 107 19.40 -10.10 -2.06
CA SER C 107 18.89 -10.23 -3.43
C SER C 107 19.65 -9.24 -4.30
N GLU C 108 19.78 -9.63 -5.58
CA GLU C 108 20.84 -9.15 -6.47
C GLU C 108 20.34 -8.50 -7.75
N ASP C 109 19.05 -8.29 -7.87
CA ASP C 109 18.46 -7.29 -8.75
C ASP C 109 17.74 -6.36 -7.78
N VAL C 110 18.44 -5.37 -7.27
CA VAL C 110 17.87 -4.33 -6.40
C VAL C 110 17.82 -3.04 -7.18
N PRO C 111 16.68 -2.36 -7.24
CA PRO C 111 16.59 -1.15 -8.07
C PRO C 111 17.62 -0.11 -7.62
N MET C 112 18.39 0.40 -8.57
CA MET C 112 19.44 1.36 -8.25
C MET C 112 19.65 2.28 -9.44
N VAL C 113 20.05 3.51 -9.14
CA VAL C 113 20.35 4.52 -10.13
C VAL C 113 21.66 5.20 -9.75
N LEU C 114 22.58 5.28 -10.70
CA LEU C 114 23.84 5.99 -10.48
C LEU C 114 23.65 7.45 -10.86
N VAL C 115 23.90 8.34 -9.91
CA VAL C 115 23.64 9.76 -10.07
C VAL C 115 24.94 10.53 -9.90
N GLY C 116 25.33 11.28 -10.92
CA GLY C 116 26.47 12.17 -10.83
C GLY C 116 26.04 13.61 -10.62
N ASN C 117 26.17 14.09 -9.39
CA ASN C 117 25.68 15.42 -9.04
C ASN C 117 26.79 16.46 -9.15
N LYS C 118 26.39 17.73 -9.04
CA LYS C 118 27.29 18.89 -9.11
C LYS C 118 27.85 19.07 -10.53
N CYS C 119 27.04 18.77 -11.55
CA CYS C 119 27.50 18.89 -12.92
C CYS C 119 27.68 20.34 -13.36
N ASP C 120 27.24 21.30 -12.55
CA ASP C 120 27.44 22.72 -12.87
C ASP C 120 28.85 23.21 -12.54
N LEU C 121 29.60 22.47 -11.73
CA LEU C 121 30.89 22.94 -11.27
C LEU C 121 31.91 22.94 -12.41
N PRO C 122 32.82 23.90 -12.44
CA PRO C 122 33.90 23.91 -13.45
C PRO C 122 35.12 23.08 -13.09
N SER C 123 35.04 22.25 -12.06
CA SER C 123 36.18 21.50 -11.58
C SER C 123 35.91 20.00 -11.66
N ARG C 124 35.39 19.56 -12.80
CA ARG C 124 35.08 18.14 -12.98
C ARG C 124 36.35 17.29 -12.86
N THR C 125 36.26 16.23 -12.07
CA THR C 125 37.33 15.26 -11.94
C THR C 125 36.91 13.85 -12.31
N VAL C 126 35.60 13.57 -12.34
CA VAL C 126 35.06 12.27 -12.73
C VAL C 126 34.53 12.42 -14.15
N ASP C 127 35.16 11.75 -15.11
CA ASP C 127 34.71 11.84 -16.49
C ASP C 127 33.36 11.16 -16.67
N THR C 128 32.68 11.53 -17.75
CA THR C 128 31.29 11.12 -17.92
C THR C 128 31.20 9.67 -18.35
N LYS C 129 32.13 9.24 -19.22
CA LYS C 129 32.17 7.86 -19.68
C LYS C 129 32.49 6.88 -18.56
N GLN C 130 33.27 7.34 -17.56
CA GLN C 130 33.51 6.54 -16.37
C GLN C 130 32.20 6.09 -15.74
N ALA C 131 31.17 6.91 -15.86
CA ALA C 131 29.90 6.67 -15.18
C ALA C 131 28.98 5.74 -15.96
N GLN C 132 28.85 5.88 -17.29
CA GLN C 132 28.22 4.80 -18.06
C GLN C 132 28.97 3.49 -17.88
N ASP C 133 30.30 3.53 -17.95
CA ASP C 133 31.06 2.29 -17.91
C ASP C 133 30.79 1.54 -16.61
N LEU C 134 30.71 2.26 -15.49
CA LEU C 134 30.35 1.63 -14.24
C LEU C 134 28.86 1.29 -14.21
N ALA C 135 28.02 2.14 -14.80
CA ALA C 135 26.57 1.92 -14.73
C ALA C 135 26.19 0.60 -15.37
N ARG C 136 26.76 0.28 -16.54
CA ARG C 136 26.44 -0.97 -17.20
C ARG C 136 27.08 -2.16 -16.49
N SER C 137 28.20 -1.94 -15.79
CA SER C 137 28.78 -3.01 -14.99
C SER C 137 27.80 -3.48 -13.92
N TYR C 138 27.09 -2.54 -13.31
CA TYR C 138 26.07 -2.83 -12.32
C TYR C 138 24.71 -3.16 -12.94
N GLY C 139 24.54 -2.93 -14.24
CA GLY C 139 23.24 -3.09 -14.87
C GLY C 139 22.21 -2.09 -14.41
N ILE C 140 22.61 -0.85 -14.17
CA ILE C 140 21.71 0.19 -13.68
C ILE C 140 21.88 1.45 -14.54
N PRO C 141 20.86 2.29 -14.66
CA PRO C 141 21.00 3.51 -15.44
C PRO C 141 21.90 4.53 -14.74
N PHE C 142 22.47 5.43 -15.55
CA PHE C 142 23.28 6.54 -15.05
C PHE C 142 22.65 7.86 -15.46
N ILE C 143 22.60 8.81 -14.52
CA ILE C 143 21.92 10.09 -14.72
C ILE C 143 22.72 11.18 -14.03
N GLU C 144 23.23 12.14 -14.81
CA GLU C 144 23.87 13.31 -14.22
C GLU C 144 22.85 14.36 -13.80
N THR C 145 23.13 15.02 -12.67
CA THR C 145 22.24 16.01 -12.11
C THR C 145 23.05 17.21 -11.64
N SER C 146 22.32 18.29 -11.34
CA SER C 146 22.89 19.43 -10.62
C SER C 146 21.78 20.00 -9.74
N ALA C 147 21.90 19.81 -8.43
CA ALA C 147 20.92 20.39 -7.52
C ALA C 147 20.94 21.91 -7.55
N LYS C 148 22.06 22.51 -7.95
CA LYS C 148 22.12 23.96 -8.09
C LYS C 148 21.13 24.46 -9.14
N THR C 149 21.17 23.87 -10.33
CA THR C 149 20.30 24.29 -11.43
C THR C 149 19.01 23.49 -11.54
N ARG C 150 18.90 22.37 -10.81
CA ARG C 150 17.78 21.44 -10.77
C ARG C 150 17.74 20.55 -12.02
N GLN C 151 18.69 20.67 -12.93
CA GLN C 151 18.65 19.82 -14.12
C GLN C 151 18.90 18.37 -13.74
N GLY C 152 18.04 17.48 -14.25
CA GLY C 152 18.14 16.06 -13.97
C GLY C 152 17.60 15.62 -12.63
N VAL C 153 17.17 16.55 -11.77
CA VAL C 153 16.74 16.19 -10.43
C VAL C 153 15.48 15.32 -10.48
N ASP C 154 14.47 15.77 -11.22
CA ASP C 154 13.25 14.96 -11.35
C ASP C 154 13.53 13.66 -12.07
N ASP C 155 14.39 13.71 -13.11
CA ASP C 155 14.66 12.53 -13.91
C ASP C 155 15.29 11.42 -13.07
N ALA C 156 16.24 11.77 -12.19
CA ALA C 156 16.93 10.76 -11.40
C ALA C 156 15.96 10.02 -10.48
N PHE C 157 15.10 10.76 -9.78
CA PHE C 157 14.14 10.12 -8.89
C PHE C 157 13.11 9.30 -9.67
N TYR C 158 12.60 9.85 -10.78
CA TYR C 158 11.60 9.13 -11.56
C TYR C 158 12.19 7.88 -12.21
N THR C 159 13.46 7.96 -12.63
CA THR C 159 14.11 6.78 -13.19
C THR C 159 14.21 5.67 -12.16
N LEU C 160 14.55 6.01 -10.92
CA LEU C 160 14.63 4.99 -9.87
C LEU C 160 13.28 4.31 -9.67
N VAL C 161 12.22 5.11 -9.63
CA VAL C 161 10.87 4.52 -9.43
C VAL C 161 10.57 3.57 -10.59
N ARG C 162 10.98 3.95 -11.80
CA ARG C 162 10.72 3.08 -12.97
C ARG C 162 11.36 1.71 -12.73
N GLU C 163 12.54 1.69 -12.12
CA GLU C 163 13.24 0.40 -11.88
C GLU C 163 12.53 -0.36 -10.77
N ILE C 164 12.00 0.34 -9.77
CA ILE C 164 11.22 -0.36 -8.71
C ILE C 164 10.00 -0.97 -9.37
N ARG C 165 9.44 -0.31 -10.38
CA ARG C 165 8.23 -0.82 -11.08
C ARG C 165 8.62 -2.08 -11.87
N LYS C 166 9.84 -2.10 -12.41
CA LYS C 166 10.34 -3.30 -13.13
C LYS C 166 10.60 -4.43 -12.12
N HIS C 167 10.56 -4.16 -10.82
CA HIS C 167 10.80 -5.13 -9.71
C HIS C 167 12.29 -5.29 -9.42
N GLU D 4 30.99 14.35 23.10
CA GLU D 4 30.10 13.30 22.63
C GLU D 4 28.82 13.90 22.05
N SER D 5 28.43 13.43 20.88
CA SER D 5 27.25 13.96 20.20
C SER D 5 25.96 13.39 20.80
N LEU D 6 24.89 14.17 20.68
CA LEU D 6 23.60 13.86 21.29
C LEU D 6 22.51 14.01 20.24
N PHE D 7 21.60 13.05 20.16
CA PHE D 7 20.68 12.93 19.03
C PHE D 7 19.22 12.99 19.50
N VAL D 8 18.41 13.76 18.78
CA VAL D 8 16.98 13.86 19.05
C VAL D 8 16.26 13.46 17.77
N ARG D 9 15.00 13.06 17.91
CA ARG D 9 14.16 12.79 16.74
C ARG D 9 13.00 13.78 16.70
N ILE D 10 12.77 14.36 15.53
CA ILE D 10 11.68 15.30 15.30
C ILE D 10 10.69 14.65 14.35
N ASN D 11 9.43 14.60 14.76
CA ASN D 11 8.37 13.99 13.98
C ASN D 11 7.50 15.08 13.36
N ALA D 12 7.43 15.10 12.04
CA ALA D 12 6.61 16.04 11.30
C ALA D 12 5.47 15.30 10.61
N ALA D 13 4.59 16.05 9.97
CA ALA D 13 3.46 15.44 9.27
C ALA D 13 3.88 14.65 8.05
N HIS D 14 5.07 14.92 7.51
CA HIS D 14 5.51 14.28 6.27
CA HIS D 14 5.55 14.35 6.26
C HIS D 14 6.77 13.46 6.45
N GLY D 15 7.19 13.19 7.68
CA GLY D 15 8.36 12.38 7.92
C GLY D 15 8.98 12.73 9.27
N PHE D 16 10.20 12.27 9.45
CA PHE D 16 10.97 12.52 10.67
C PHE D 16 12.33 13.09 10.32
N SER D 17 12.88 13.88 11.24
CA SER D 17 14.22 14.45 11.10
C SER D 17 15.03 14.12 12.34
N LEU D 18 16.19 13.50 12.14
CA LEU D 18 17.10 13.18 13.23
C LEU D 18 18.12 14.31 13.38
N ILE D 19 18.20 14.87 14.58
CA ILE D 19 18.98 16.08 14.80
C ILE D 19 19.97 15.78 15.92
N GLN D 20 21.21 16.22 15.73
CA GLN D 20 22.23 16.03 16.75
C GLN D 20 22.60 17.38 17.37
N VAL D 21 22.81 17.39 18.68
CA VAL D 21 23.10 18.62 19.41
C VAL D 21 24.43 18.43 20.14
N ASP D 22 25.17 19.54 20.28
CA ASP D 22 26.48 19.50 20.93
C ASP D 22 26.38 18.94 22.34
N ASN D 23 25.48 19.50 23.14
CA ASN D 23 25.23 19.03 24.49
C ASN D 23 23.75 19.15 24.77
N THR D 24 23.33 18.52 25.86
CA THR D 24 21.98 18.67 26.37
C THR D 24 21.62 20.05 26.89
N LYS D 25 22.52 21.02 26.79
CA LYS D 25 22.24 22.27 27.48
C LYS D 25 21.91 23.41 26.49
N VAL D 26 21.31 23.07 25.33
CA VAL D 26 21.08 24.02 24.24
C VAL D 26 19.61 24.46 24.21
N THR D 27 19.38 25.70 23.75
CA THR D 27 18.03 26.18 23.46
C THR D 27 17.23 25.22 22.60
N MET D 28 15.92 25.28 22.80
CA MET D 28 14.90 24.42 22.23
C MET D 28 14.44 24.90 20.85
N LYS D 29 14.21 26.21 20.73
CA LYS D 29 14.03 26.79 19.40
C LYS D 29 15.28 26.56 18.55
N GLU D 30 16.46 26.64 19.17
CA GLU D 30 17.69 26.26 18.48
C GLU D 30 17.58 24.87 17.86
N ILE D 31 16.94 23.95 18.58
CA ILE D 31 16.61 22.66 17.98
C ILE D 31 15.50 22.81 16.94
N LEU D 32 14.52 23.67 17.23
CA LEU D 32 13.44 23.91 16.27
C LEU D 32 13.97 24.39 14.93
N LEU D 33 14.97 25.27 14.94
CA LEU D 33 15.39 25.88 13.68
C LEU D 33 16.12 24.89 12.79
N LYS D 34 16.70 23.82 13.35
CA LYS D 34 17.25 22.75 12.51
C LYS D 34 16.15 21.87 11.94
N ALA D 35 15.07 21.67 12.68
CA ALA D 35 13.96 20.85 12.18
C ALA D 35 13.31 21.48 10.96
N VAL D 36 13.01 22.79 11.04
CA VAL D 36 12.45 23.48 9.89
C VAL D 36 13.44 23.49 8.73
N LYS D 37 14.74 23.42 9.04
CA LYS D 37 15.75 23.42 7.98
C LYS D 37 15.65 22.18 7.12
N ARG D 38 15.37 21.02 7.73
CA ARG D 38 15.37 19.78 6.96
C ARG D 38 14.00 19.45 6.38
N ARG D 39 12.92 19.91 6.99
CA ARG D 39 11.61 19.79 6.35
C ARG D 39 11.43 20.80 5.24
N LYS D 40 12.03 21.99 5.37
CA LYS D 40 11.77 23.12 4.50
C LYS D 40 12.97 23.64 3.71
N GLY D 41 14.17 23.21 4.04
CA GLY D 41 15.33 23.65 3.28
C GLY D 41 15.87 25.00 3.64
N SER D 42 15.02 26.03 3.65
CA SER D 42 15.46 27.40 3.74
C SER D 42 15.40 27.93 5.17
N GLN D 43 16.04 29.09 5.34
CA GLN D 43 16.00 29.83 6.59
C GLN D 43 14.60 30.40 6.85
N LYS D 44 13.97 30.97 5.83
CA LYS D 44 12.62 31.49 5.94
C LYS D 44 11.59 30.37 5.74
N VAL D 45 10.35 30.64 6.13
CA VAL D 45 9.30 29.63 6.15
C VAL D 45 8.04 30.16 5.48
N SER D 46 7.15 29.24 5.16
CA SER D 46 5.87 29.58 4.55
C SER D 46 4.95 30.25 5.58
N GLY D 47 3.80 30.74 5.08
CA GLY D 47 2.89 31.54 5.85
C GLY D 47 2.32 30.91 7.10
N PRO D 48 1.84 29.66 7.05
CA PRO D 48 1.46 28.97 8.30
C PRO D 48 2.71 28.53 9.04
N GLN D 49 2.71 28.71 10.35
CA GLN D 49 3.92 28.63 11.16
C GLN D 49 4.05 27.24 11.78
N TYR D 50 5.07 27.09 12.64
CA TYR D 50 5.47 25.80 13.19
C TYR D 50 5.59 25.87 14.70
N ARG D 51 5.14 24.81 15.38
CA ARG D 51 5.27 24.71 16.82
C ARG D 51 5.87 23.35 17.21
N LEU D 52 6.63 23.35 18.29
CA LEU D 52 7.21 22.13 18.84
C LEU D 52 6.31 21.61 19.94
N GLU D 53 5.88 20.36 19.81
CA GLU D 53 5.08 19.70 20.82
C GLU D 53 5.87 18.55 21.42
N LYS D 54 5.98 18.54 22.75
CA LYS D 54 6.59 17.41 23.43
C LYS D 54 5.81 16.13 23.08
N GLN D 55 6.56 15.05 22.82
CA GLN D 55 5.93 13.83 22.34
C GLN D 55 4.86 13.33 23.30
N SER D 56 5.01 13.61 24.59
CA SER D 56 4.04 13.16 25.59
C SER D 56 2.80 14.04 25.62
N GLU D 57 2.97 15.36 25.47
CA GLU D 57 1.85 16.29 25.62
C GLU D 57 1.40 16.80 24.26
N PRO D 58 0.35 16.24 23.66
CA PRO D 58 -0.11 16.74 22.37
C PRO D 58 -0.70 18.14 22.49
N ASN D 59 -0.54 18.92 21.42
CA ASN D 59 -1.10 20.25 21.22
C ASN D 59 -0.51 21.29 22.17
N VAL D 60 0.42 20.93 23.04
CA VAL D 60 1.03 21.87 23.99
C VAL D 60 2.34 22.37 23.41
N ALA D 61 2.48 23.68 23.32
CA ALA D 61 3.66 24.29 22.73
C ALA D 61 4.84 24.21 23.69
N VAL D 62 5.98 23.75 23.18
CA VAL D 62 7.21 23.71 23.97
C VAL D 62 7.74 25.12 24.16
N ASP D 63 8.24 25.42 25.35
CA ASP D 63 8.91 26.70 25.59
C ASP D 63 10.13 26.82 24.70
N LEU D 64 10.08 27.76 23.74
CA LEU D 64 11.14 27.88 22.74
C LEU D 64 12.47 28.28 23.34
N ASP D 65 12.48 28.85 24.54
CA ASP D 65 13.71 29.29 25.18
C ASP D 65 14.25 28.31 26.20
N SER D 66 13.53 27.23 26.47
CA SER D 66 14.00 26.26 27.45
C SER D 66 15.10 25.37 26.87
N THR D 67 15.73 24.60 27.75
CA THR D 67 16.84 23.71 27.44
C THR D 67 16.34 22.29 27.17
N LEU D 68 17.10 21.56 26.35
CA LEU D 68 16.76 20.16 26.08
C LEU D 68 16.71 19.34 27.37
N GLU D 69 17.48 19.73 28.39
CA GLU D 69 17.33 19.11 29.70
C GLU D 69 16.08 19.60 30.42
N SER D 70 15.55 20.77 30.05
CA SER D 70 14.33 21.26 30.68
C SER D 70 13.15 20.33 30.39
N GLN D 71 13.03 19.84 29.17
CA GLN D 71 12.20 18.66 28.91
C GLN D 71 12.95 17.38 29.26
N SER D 72 12.19 16.37 29.66
CA SER D 72 12.72 15.03 29.83
C SER D 72 12.15 14.18 28.71
N ALA D 73 12.81 14.23 27.55
CA ALA D 73 12.37 13.55 26.34
C ALA D 73 13.44 13.74 25.27
N TRP D 74 13.41 12.85 24.28
CA TRP D 74 14.33 12.92 23.15
C TRP D 74 13.61 12.94 21.81
N GLU D 75 12.29 12.79 21.80
CA GLU D 75 11.50 12.72 20.59
C GLU D 75 10.46 13.85 20.64
N PHE D 76 10.32 14.57 19.52
CA PHE D 76 9.46 15.75 19.50
C PHE D 76 8.61 15.76 18.24
N CYS D 77 7.49 16.47 18.31
CA CYS D 77 6.55 16.58 17.22
C CYS D 77 6.58 18.00 16.67
N LEU D 78 6.71 18.12 15.35
CA LEU D 78 6.76 19.40 14.65
C LEU D 78 5.46 19.56 13.87
N VAL D 79 4.64 20.54 14.25
CA VAL D 79 3.26 20.63 13.81
C VAL D 79 2.99 22.04 13.25
N ARG D 80 2.38 22.08 12.06
CA ARG D 80 1.85 23.34 11.53
C ARG D 80 0.76 23.86 12.45
N GLU D 81 0.66 25.17 12.55
CA GLU D 81 -0.09 25.66 13.69
C GLU D 81 -1.58 25.71 13.39
N ASN D 82 -1.95 25.56 12.12
CA ASN D 82 -3.33 25.36 11.66
C ASN D 82 -3.80 23.92 11.82
N SER D 83 -2.92 22.99 12.20
CA SER D 83 -3.24 21.58 12.29
C SER D 83 -2.95 21.05 13.70
N SER D 84 -3.24 19.76 13.89
CA SER D 84 -2.98 19.07 15.14
C SER D 84 -2.12 17.83 14.87
N ARG D 85 -1.64 17.23 15.96
CA ARG D 85 -0.96 15.95 15.84
C ARG D 85 -1.91 14.87 15.33
N ALA D 86 -3.17 14.91 15.77
CA ALA D 86 -4.15 13.95 15.28
C ALA D 86 -4.37 14.08 13.79
N ASP D 87 -4.43 15.31 13.29
CA ASP D 87 -4.59 15.53 11.85
C ASP D 87 -3.37 15.09 11.05
N GLY D 88 -2.20 14.98 11.69
CA GLY D 88 -0.99 14.67 10.95
C GLY D 88 -0.97 13.24 10.44
N VAL D 89 -0.32 13.07 9.28
CA VAL D 89 -0.19 11.75 8.68
C VAL D 89 0.76 10.87 9.48
N PHE D 90 1.91 11.42 9.84
CA PHE D 90 3.04 10.69 10.40
C PHE D 90 2.95 10.68 11.92
N GLU D 91 4.09 10.50 12.60
CA GLU D 91 4.23 10.29 14.03
C GLU D 91 3.85 8.85 14.39
N GLU D 92 4.22 7.93 13.50
CA GLU D 92 3.95 6.51 13.70
C GLU D 92 4.79 5.93 14.82
N ASP D 93 4.22 4.93 15.52
CA ASP D 93 4.91 4.24 16.59
C ASP D 93 5.60 2.95 16.13
N SER D 94 5.52 2.62 14.84
CA SER D 94 6.17 1.42 14.32
C SER D 94 7.66 1.60 14.08
N GLN D 95 8.18 2.82 14.23
CA GLN D 95 9.59 3.09 14.03
C GLN D 95 10.40 2.56 15.21
N ILE D 96 11.72 2.50 15.03
CA ILE D 96 12.62 2.07 16.10
C ILE D 96 12.58 3.10 17.22
N ASP D 97 12.53 2.62 18.46
CA ASP D 97 12.42 3.50 19.62
C ASP D 97 13.62 4.43 19.71
N ILE D 98 13.42 5.57 20.39
CA ILE D 98 14.50 6.56 20.43
C ILE D 98 15.72 6.05 21.18
N ALA D 99 15.51 5.40 22.34
CA ALA D 99 16.67 4.99 23.12
C ALA D 99 17.60 4.09 22.31
N THR D 100 17.02 3.14 21.57
CA THR D 100 17.82 2.32 20.67
C THR D 100 18.48 3.18 19.59
N VAL D 101 17.72 4.13 19.03
CA VAL D 101 18.23 4.96 17.94
C VAL D 101 19.49 5.71 18.37
N GLN D 102 19.46 6.39 19.52
CA GLN D 102 20.61 7.20 19.93
C GLN D 102 21.85 6.33 20.11
N ASP D 103 21.66 5.11 20.63
CA ASP D 103 22.77 4.19 20.77
C ASP D 103 23.36 3.83 19.42
N MET D 104 22.50 3.61 18.41
CA MET D 104 22.98 3.32 17.07
C MET D 104 23.80 4.49 16.53
N LEU D 105 23.35 5.71 16.75
CA LEU D 105 24.09 6.85 16.22
C LEU D 105 25.40 7.07 16.98
N SER D 106 25.53 6.50 18.17
CA SER D 106 26.68 6.71 19.04
C SER D 106 27.62 5.51 19.06
N SER D 107 27.51 4.62 18.07
CA SER D 107 28.32 3.40 18.08
C SER D 107 29.81 3.70 18.08
N HIS D 108 30.23 4.68 17.29
CA HIS D 108 31.64 5.02 17.21
C HIS D 108 32.11 5.93 18.34
N HIS D 109 31.19 6.48 19.14
CA HIS D 109 31.58 7.26 20.31
C HIS D 109 32.25 6.37 21.34
N TYR D 110 33.23 6.94 22.04
CA TYR D 110 33.92 6.20 23.08
C TYR D 110 33.03 6.00 24.30
N LYS D 111 33.02 4.79 24.82
CA LYS D 111 32.29 4.48 26.04
C LYS D 111 33.04 3.41 26.81
N SER D 112 32.99 3.50 28.14
CA SER D 112 33.64 2.55 29.03
C SER D 112 32.58 1.81 29.85
N PHE D 113 32.81 0.51 30.06
CA PHE D 113 31.90 -0.32 30.82
C PHE D 113 32.65 -1.01 31.94
N LYS D 114 31.99 -1.13 33.10
CA LYS D 114 32.53 -1.90 34.23
C LYS D 114 32.04 -3.34 34.09
N VAL D 115 32.94 -4.23 33.68
CA VAL D 115 32.63 -5.64 33.52
C VAL D 115 33.74 -6.46 34.18
N SER D 116 33.56 -7.78 34.18
CA SER D 116 34.54 -8.72 34.70
C SER D 116 35.07 -9.57 33.57
N MET D 117 36.40 -9.65 33.45
CA MET D 117 37.04 -10.46 32.42
C MET D 117 37.26 -11.87 32.93
N ILE D 118 37.01 -12.85 32.06
CA ILE D 118 37.06 -14.26 32.43
C ILE D 118 38.33 -14.87 31.87
N HIS D 119 39.18 -15.38 32.76
CA HIS D 119 40.45 -16.02 32.40
C HIS D 119 40.35 -17.51 32.63
N ARG D 120 40.66 -18.30 31.61
CA ARG D 120 40.63 -19.76 31.66
C ARG D 120 39.28 -20.31 32.08
N LEU D 121 38.24 -19.47 32.06
CA LEU D 121 36.86 -19.85 32.34
C LEU D 121 36.65 -20.34 33.77
N ARG D 122 37.56 -19.99 34.70
CA ARG D 122 37.29 -20.16 36.12
C ARG D 122 37.81 -19.02 36.97
N PHE D 123 38.38 -17.97 36.38
CA PHE D 123 38.87 -16.80 37.11
C PHE D 123 38.23 -15.56 36.51
N THR D 124 38.08 -14.54 37.35
CA THR D 124 37.52 -13.25 36.91
C THR D 124 38.38 -12.11 37.44
N THR D 125 38.43 -11.02 36.68
CA THR D 125 39.05 -9.78 37.12
C THR D 125 38.08 -8.65 36.82
N ASP D 126 38.09 -7.62 37.66
CA ASP D 126 37.33 -6.42 37.33
C ASP D 126 38.14 -5.57 36.36
N VAL D 127 37.55 -5.24 35.22
CA VAL D 127 38.27 -4.56 34.14
C VAL D 127 37.49 -3.34 33.67
N GLN D 128 38.24 -2.33 33.23
CA GLN D 128 37.67 -1.21 32.49
C GLN D 128 37.68 -1.57 31.02
N LEU D 129 36.51 -1.59 30.39
CA LEU D 129 36.36 -1.97 28.99
C LEU D 129 35.97 -0.71 28.20
N GLY D 130 36.97 -0.09 27.56
CA GLY D 130 36.74 1.08 26.75
C GLY D 130 36.63 0.69 25.28
N ILE D 131 35.47 0.99 24.69
CA ILE D 131 35.18 0.65 23.31
C ILE D 131 34.91 1.93 22.54
N SER D 132 35.53 2.06 21.38
CA SER D 132 35.27 3.16 20.46
C SER D 132 35.39 2.63 19.03
N GLY D 133 35.09 3.49 18.07
CA GLY D 133 35.25 3.11 16.68
C GLY D 133 36.70 2.84 16.30
N ASP D 134 37.62 3.31 17.13
CA ASP D 134 39.06 3.18 16.79
C ASP D 134 39.70 2.06 17.62
N LYS D 135 39.37 1.96 18.91
CA LYS D 135 40.09 0.97 19.74
C LYS D 135 39.21 0.33 20.82
N VAL D 136 39.51 -0.92 21.16
CA VAL D 136 38.83 -1.62 22.30
C VAL D 136 39.89 -1.76 23.39
N GLU D 137 39.75 -1.03 24.50
CA GLU D 137 40.74 -0.99 25.55
C GLU D 137 40.25 -1.78 26.75
N ILE D 138 41.13 -2.64 27.29
CA ILE D 138 40.83 -3.47 28.45
C ILE D 138 41.86 -3.13 29.52
N ASP D 139 41.40 -2.55 30.62
CA ASP D 139 42.29 -2.14 31.70
C ASP D 139 41.74 -2.61 33.04
N PRO D 140 42.61 -3.03 33.96
CA PRO D 140 42.13 -3.41 35.29
C PRO D 140 41.65 -2.20 36.07
N VAL D 141 40.84 -2.49 37.10
CA VAL D 141 40.27 -1.44 37.91
C VAL D 141 40.83 -1.50 39.33
N THR D 148 54.01 -6.38 43.50
CA THR D 148 53.56 -6.31 44.89
C THR D 148 53.79 -7.65 45.58
N LYS D 149 54.39 -8.59 44.86
CA LYS D 149 54.77 -9.93 45.31
C LYS D 149 53.57 -10.81 45.64
N PHE D 150 52.33 -10.32 45.50
CA PHE D 150 51.15 -11.15 45.68
C PHE D 150 50.11 -10.89 44.60
N TRP D 151 50.42 -10.11 43.58
CA TRP D 151 49.47 -9.83 42.50
C TRP D 151 50.25 -9.37 41.27
N ILE D 152 49.95 -9.98 40.13
CA ILE D 152 50.54 -9.60 38.85
C ILE D 152 49.72 -8.47 38.25
N LYS D 153 50.37 -7.64 37.44
CA LYS D 153 49.77 -6.38 36.99
C LYS D 153 48.60 -6.59 36.03
N GLN D 154 48.54 -7.73 35.34
CA GLN D 154 47.51 -7.99 34.32
C GLN D 154 47.54 -6.91 33.23
N LYS D 155 48.65 -6.93 32.48
CA LYS D 155 49.02 -5.94 31.47
C LYS D 155 47.81 -5.49 30.64
N PRO D 156 47.62 -4.16 30.43
CA PRO D 156 46.56 -3.68 29.56
C PRO D 156 46.59 -4.27 28.15
N ILE D 157 45.41 -4.54 27.59
CA ILE D 157 45.32 -5.06 26.20
C ILE D 157 44.60 -3.99 25.37
N SER D 158 45.25 -3.48 24.33
CA SER D 158 44.57 -2.51 23.42
C SER D 158 44.39 -3.23 22.09
N ILE D 159 43.15 -3.37 21.65
CA ILE D 159 42.88 -4.11 20.39
C ILE D 159 42.39 -3.08 19.38
N ASP D 160 43.24 -2.70 18.44
CA ASP D 160 42.80 -1.78 17.40
C ASP D 160 41.54 -2.34 16.73
N SER D 161 40.63 -1.43 16.39
CA SER D 161 39.32 -1.86 15.87
C SER D 161 39.43 -2.59 14.54
N ASP D 162 40.55 -2.48 13.83
CA ASP D 162 40.77 -3.29 12.65
C ASP D 162 41.13 -4.73 12.99
N LEU D 163 41.54 -5.01 14.23
CA LEU D 163 41.84 -6.36 14.66
C LEU D 163 40.60 -7.12 15.11
N LEU D 164 39.52 -6.42 15.42
CA LEU D 164 38.30 -7.07 15.88
C LEU D 164 37.74 -7.99 14.80
N CYS D 165 37.20 -9.12 15.22
CA CYS D 165 36.67 -10.10 14.28
C CYS D 165 35.25 -10.51 14.60
N ALA D 166 34.89 -10.65 15.88
CA ALA D 166 33.55 -11.04 16.26
C ALA D 166 33.27 -10.58 17.68
N CYS D 167 31.99 -10.32 17.95
CA CYS D 167 31.53 -9.99 19.30
C CYS D 167 30.13 -10.59 19.44
N ASP D 168 30.03 -11.70 20.17
CA ASP D 168 28.82 -12.48 20.22
C ASP D 168 28.37 -12.69 21.67
N LEU D 169 27.06 -12.73 21.85
CA LEU D 169 26.50 -13.14 23.12
C LEU D 169 26.74 -14.63 23.31
N ALA D 170 27.40 -15.00 24.41
CA ALA D 170 27.74 -16.40 24.66
C ALA D 170 26.63 -17.12 25.43
N GLU D 171 26.30 -16.63 26.61
CA GLU D 171 25.27 -17.24 27.45
C GLU D 171 24.56 -16.14 28.22
N GLU D 172 23.24 -16.31 28.40
CA GLU D 172 22.42 -15.33 29.09
C GLU D 172 21.66 -16.04 30.20
N LYS D 173 22.01 -15.73 31.45
CA LYS D 173 21.44 -16.40 32.62
C LYS D 173 20.30 -15.61 33.25
N SER D 174 20.50 -14.32 33.47
CA SER D 174 19.58 -13.49 34.23
C SER D 174 19.89 -12.04 33.90
N PRO D 175 19.00 -11.09 34.23
CA PRO D 175 19.29 -9.69 33.89
C PRO D 175 20.48 -9.12 34.62
N SER D 176 21.08 -9.87 35.55
CA SER D 176 22.27 -9.47 36.26
C SER D 176 23.51 -10.30 35.88
N HIS D 177 23.35 -11.32 35.04
CA HIS D 177 24.46 -12.20 34.70
C HIS D 177 24.35 -12.62 33.24
N ALA D 178 25.36 -12.26 32.44
CA ALA D 178 25.45 -12.69 31.06
C ALA D 178 26.91 -12.68 30.63
N ILE D 179 27.23 -13.49 29.62
CA ILE D 179 28.59 -13.63 29.11
C ILE D 179 28.57 -13.35 27.62
N PHE D 180 29.54 -12.56 27.16
CA PHE D 180 29.70 -12.30 25.74
C PHE D 180 31.15 -12.56 25.34
N LYS D 181 31.34 -12.70 24.04
CA LYS D 181 32.57 -13.23 23.47
C LYS D 181 33.22 -12.15 22.62
N LEU D 182 34.55 -12.11 22.64
CA LEU D 182 35.28 -11.14 21.81
C LEU D 182 36.37 -11.87 21.04
N THR D 183 36.12 -12.10 19.76
CA THR D 183 37.11 -12.72 18.87
C THR D 183 37.87 -11.63 18.13
N TYR D 184 39.20 -11.70 18.21
CA TYR D 184 40.06 -10.73 17.55
C TYR D 184 41.37 -11.42 17.21
N LEU D 185 42.28 -10.67 16.61
CA LEU D 185 43.52 -11.23 16.09
C LEU D 185 44.70 -10.60 16.82
N SER D 186 45.40 -11.40 17.63
CA SER D 186 46.54 -10.95 18.41
C SER D 186 47.88 -11.50 17.94
N ASN D 187 47.88 -12.64 17.26
CA ASN D 187 49.09 -13.30 16.77
C ASN D 187 48.70 -14.02 15.49
N HIS D 188 49.50 -14.99 15.06
CA HIS D 188 49.15 -15.69 13.83
C HIS D 188 47.79 -16.39 13.91
N ASP D 189 47.19 -16.49 15.10
CA ASP D 189 45.90 -17.12 15.28
C ASP D 189 44.97 -16.19 16.05
N TYR D 190 43.67 -16.51 16.01
CA TYR D 190 42.66 -15.68 16.64
C TYR D 190 42.54 -16.00 18.12
N LYS D 191 42.54 -14.95 18.95
CA LYS D 191 42.37 -15.11 20.39
C LYS D 191 40.94 -14.75 20.79
N HIS D 192 40.44 -15.44 21.82
CA HIS D 192 39.07 -15.28 22.29
C HIS D 192 39.07 -14.76 23.72
N LEU D 193 38.25 -13.74 23.96
CA LEU D 193 38.07 -13.11 25.27
C LEU D 193 36.60 -13.15 25.68
N TYR D 194 36.38 -13.47 26.95
CA TYR D 194 35.06 -13.65 27.53
C TYR D 194 34.91 -12.71 28.72
N PHE D 195 33.77 -12.03 28.78
CA PHE D 195 33.51 -11.04 29.81
C PHE D 195 32.14 -11.28 30.42
N GLU D 196 31.96 -10.76 31.63
CA GLU D 196 30.78 -11.01 32.45
C GLU D 196 30.29 -9.70 33.03
N SER D 197 28.98 -9.47 32.94
CA SER D 197 28.34 -8.30 33.52
C SER D 197 26.83 -8.52 33.47
N ASP D 198 26.06 -7.48 33.81
CA ASP D 198 24.62 -7.57 33.73
C ASP D 198 24.17 -7.69 32.27
N ALA D 199 22.96 -8.23 32.09
CA ALA D 199 22.48 -8.49 30.74
C ALA D 199 22.34 -7.22 29.94
N ALA D 200 21.93 -6.12 30.57
CA ALA D 200 21.80 -4.85 29.86
C ALA D 200 23.14 -4.36 29.32
N THR D 201 24.18 -4.42 30.16
CA THR D 201 25.51 -3.99 29.72
C THR D 201 26.04 -4.89 28.62
N VAL D 202 25.87 -6.20 28.77
CA VAL D 202 26.41 -7.14 27.79
C VAL D 202 25.72 -6.96 26.44
N ASN D 203 24.39 -6.83 26.45
CA ASN D 203 23.67 -6.63 25.20
C ASN D 203 24.04 -5.31 24.55
N GLU D 204 24.22 -4.26 25.36
CA GLU D 204 24.67 -2.98 24.82
C GLU D 204 26.05 -3.09 24.20
N ILE D 205 26.95 -3.83 24.85
CA ILE D 205 28.31 -3.96 24.34
C ILE D 205 28.32 -4.72 23.02
N VAL D 206 27.58 -5.83 22.95
CA VAL D 206 27.58 -6.66 21.74
C VAL D 206 27.04 -5.87 20.55
N LEU D 207 25.95 -5.12 20.76
CA LEU D 207 25.43 -4.29 19.67
C LEU D 207 26.43 -3.21 19.28
N LYS D 208 27.06 -2.58 20.27
CA LYS D 208 27.97 -1.47 19.99
C LYS D 208 29.16 -1.93 19.15
N VAL D 209 29.75 -3.08 19.49
CA VAL D 209 30.91 -3.57 18.75
C VAL D 209 30.51 -4.01 17.35
N ASN D 210 29.36 -4.70 17.23
CA ASN D 210 28.96 -5.24 15.93
C ASN D 210 28.66 -4.11 14.94
N TYR D 211 28.13 -2.98 15.40
CA TYR D 211 27.97 -1.83 14.53
C TYR D 211 29.33 -1.36 14.01
N ILE D 212 30.34 -1.33 14.88
CA ILE D 212 31.69 -0.96 14.45
C ILE D 212 32.24 -2.02 13.50
N LEU D 213 31.93 -3.29 13.74
CA LEU D 213 32.41 -4.36 12.86
C LEU D 213 31.83 -4.23 11.45
N GLU D 214 30.52 -3.99 11.36
CA GLU D 214 29.88 -3.85 10.06
C GLU D 214 30.29 -2.58 9.33
N SER D 215 31.00 -1.67 10.01
CA SER D 215 31.50 -0.44 9.40
C SER D 215 32.96 -0.54 9.01
N ARG D 216 33.54 -1.74 9.00
CA ARG D 216 34.94 -1.94 8.64
C ARG D 216 35.03 -3.15 7.72
N ALA D 217 36.25 -3.62 7.47
CA ALA D 217 36.48 -4.76 6.59
C ALA D 217 37.85 -5.37 6.93
N SER D 218 38.33 -6.22 6.04
CA SER D 218 39.61 -6.94 6.08
C SER D 218 39.60 -8.09 7.07
N THR D 219 38.54 -8.27 7.85
CA THR D 219 38.41 -9.45 8.70
C THR D 219 37.61 -10.54 8.00
N ALA D 220 38.01 -10.86 6.76
CA ALA D 220 37.29 -11.80 5.94
C ALA D 220 37.65 -13.24 6.32
N ARG D 221 37.55 -13.53 7.61
CA ARG D 221 37.77 -14.84 8.20
C ARG D 221 36.52 -15.71 8.16
N ALA D 222 35.54 -15.37 7.34
CA ALA D 222 34.27 -16.08 7.30
C ALA D 222 34.48 -17.41 6.59
N ASP D 223 34.99 -18.38 7.35
CA ASP D 223 35.20 -19.74 6.85
C ASP D 223 35.33 -20.73 8.00
#